data_9KUT
#
_entry.id   9KUT
#
_cell.length_a   1.00
_cell.length_b   1.00
_cell.length_c   1.00
_cell.angle_alpha   90.00
_cell.angle_beta   90.00
_cell.angle_gamma   90.00
#
_symmetry.space_group_name_H-M   'P 1'
#
loop_
_entity.id
_entity.type
_entity.pdbx_description
1 polymer 'Guanine nucleotide-binding protein G(o) subunit alpha'
2 polymer 'Guanine nucleotide-binding protein G(I)/G(S)/G(T) subunit beta-1'
3 polymer 'Guanine nucleotide-binding protein G(I)/G(S)/G(O) subunit gamma-2'
4 polymer 'Antibody fragment - ScFv16'
5 polymer 'Muscarinic acetylcholine receptor M4,C3a anaphylatoxin chemotactic receptor'
6 non-polymer '(2~{S})-5-[bis(azanyl)methylideneamino]-2-[[5-[bis(4-chlorophenyl)methyl]-3-methyl-thiophen-2-yl]carbonylamino]pentanoic acid'
#
loop_
_entity_poly.entity_id
_entity_poly.type
_entity_poly.pdbx_seq_one_letter_code
_entity_poly.pdbx_strand_id
1 'polypeptide(L)'
;MGHHHHHHENLYFQGTLSAEERAALERSKAIEKNLKEDGISAAKDVKLLLLGADNSGKSTIVKQMKIIHGGSGGSGGTTG
IVETHFTFKNLHFRLFDVGGQRSERKKWIHCFEDVTAIIFCVDLSDYDQVLHEDETTNRMHESLMLFDSICNNKFFIDTS
IILFLNKKDLFGEKIKKSPLTICFPEYTGPNTYEDAAAYIQAQFESKNRSPNKEIYCHMTCATDTNNAQVIFDAVTDIII
ANNLRGCGLY
;
A
2 'polypeptide(L)'
;MHHHHHHGSSGSELDQLRQEAEQLKNQIRDARKACADATLSQITNNIDPVGRIQMRTRRTLRGHLAKIYAMHWGTDSRLL
VSASQDGKLIIWDSYTTNKVHAIPLRSSWVMTCAYAPSGNYVACGGLDNICSIYNLKTREGNVRVSRELAGHTGYLSCCR
FLDDNQIVTSSGDTTCALWDIETGQQTTTFTGHTGDVMSLSLAPDTRLFVSGACDASAKLWDVREGMCRQTFTGHESDIN
AICFFPNGNAFATGSDDATCRLFDLRADQELMTYSHDNIICGITSVSFSKSGRLLLAGYDDFNCNVWDALKADRAGVLAG
HDNRVSCLGVTDDGMAVATGSWDSFLKIWN
;
B
3 'polypeptide(L)' MASNNTASIAQARKLVEQLKMEANIDRIKVSKAAADLMAYCEAHAKEDPLLTPVPASENPFREKKFFCAIL G
4 'polypeptide(L)'
;DVQLVESGGGLVQPGGSRKLSCSASGFAFSSFGMHWVRQAPEKGLEWVAYISSGSGTIYYADTVKGRFTISRDDPKNTLF
LQMTSLRSEDTAMYYCVRSIYYYGSSPFDFWGQGTTLTVSSGGGGSGGGGSGGGGSDIVMTQATSSVPVTPGESVSISCR
SSKSLLHSNGNTYLYWFLQRPGQSPQLLIYRMSNLASGVPDRFSGSGSGTAFTLTISRLEAEDVGVYYCMQHLEYPLTFG
AGTKLELK
;
H
5 'polypeptide(L)'
;MGKTIIALSYIFCLVFADYKDDDDAANFTPVNGSSGNQSVRLVTSSSLEVLFQGPGSASFSAETNSTDLLSQPWNEPPVI
LSMVILSLTFLLGLPGNGLVLWVAGLKMQRTVNTIWFLHLTLADLLCCLSLPFSLAHLALQGQWPYGRFLCKLIPSIIVL
NMFASVFLLTAISLDRCLVVFKPIWCQNHRNVGMACSICGCIWVVAFVMCIPVFVYREIFTTDNHNRCGYKFGLSSSLDY
PDFYGDPLENRSLENIVQPPGEMNDRLDPSSFQTNDHPWTVPTVFQPQTFQRPSADSLPRGSARLTSQNLYSNVFKPADV
VSPKIPSGFPIEDHETSPLDNSDAFLSTHLKLFPSASSNSFYESELPQGFQDYYNLGQFTDDDQVPTPLVAITITRLVVG
FLLPSVIMIACYSFIVFRMQRGRFAKSQSKTFRVAVVVVAVFLVCWTPYHIFGVLSLLTDPETPLGKTLMSWDHVCIALA
SANSCFNPFLYALLGKDFRKKARQSIQGILEAAFSEELTRSTHCPSNNVISERNSTTV
;
C
#
loop_
_chem_comp.id
_chem_comp.type
_chem_comp.name
_chem_comp.formula
A1D9A non-polymer '(2~{S})-5-[bis(azanyl)methylideneamino]-2-[[5-[bis(4-chlorophenyl)methyl]-3-methyl-thiophen-2-yl]carbonylamino]pentanoic acid' 'C25 H26 Cl2 N4 O3 S'
#
# COMPACT_ATOMS: atom_id res chain seq x y z
N ALA A 19 -2.47 -28.69 3.81
CA ALA A 19 -1.79 -29.60 2.89
C ALA A 19 -1.07 -28.84 1.79
N GLU A 20 -1.71 -27.81 1.23
CA GLU A 20 -1.12 -27.06 0.13
C GLU A 20 -1.23 -25.55 0.31
N GLU A 21 -1.64 -25.06 1.48
CA GLU A 21 -1.65 -23.62 1.73
C GLU A 21 -0.26 -23.06 1.93
N ARG A 22 0.72 -23.91 2.24
CA ARG A 22 2.10 -23.44 2.39
C ARG A 22 2.64 -22.91 1.07
N ALA A 23 2.26 -23.53 -0.05
CA ALA A 23 2.66 -23.02 -1.35
C ALA A 23 2.05 -21.65 -1.62
N ALA A 24 0.79 -21.45 -1.23
CA ALA A 24 0.17 -20.14 -1.36
C ALA A 24 0.89 -19.10 -0.52
N LEU A 25 1.29 -19.47 0.70
CA LEU A 25 2.08 -18.57 1.53
C LEU A 25 3.41 -18.22 0.87
N GLU A 26 4.07 -19.21 0.28
CA GLU A 26 5.32 -18.96 -0.41
C GLU A 26 5.13 -17.99 -1.57
N ARG A 27 4.06 -18.19 -2.35
CA ARG A 27 3.79 -17.29 -3.48
C ARG A 27 3.52 -15.87 -2.99
N SER A 28 2.74 -15.72 -1.92
CA SER A 28 2.47 -14.40 -1.37
C SER A 28 3.75 -13.73 -0.91
N LYS A 29 4.63 -14.46 -0.23
CA LYS A 29 5.89 -13.87 0.22
C LYS A 29 6.75 -13.46 -0.98
N ALA A 30 6.77 -14.27 -2.03
CA ALA A 30 7.58 -13.94 -3.19
C ALA A 30 7.08 -12.65 -3.86
N ILE A 31 5.76 -12.52 -4.03
CA ILE A 31 5.26 -11.32 -4.69
C ILE A 31 5.43 -10.11 -3.78
N GLU A 32 5.35 -10.28 -2.46
CA GLU A 32 5.63 -9.17 -1.55
C GLU A 32 7.08 -8.71 -1.68
N LYS A 33 8.02 -9.66 -1.78
CA LYS A 33 9.42 -9.30 -1.97
C LYS A 33 9.62 -8.55 -3.28
N ASN A 34 8.97 -9.01 -4.35
CA ASN A 34 9.09 -8.32 -5.63
C ASN A 34 8.54 -6.90 -5.54
N LEU A 35 7.41 -6.73 -4.84
CA LEU A 35 6.85 -5.39 -4.66
C LEU A 35 7.82 -4.48 -3.91
N LYS A 36 8.42 -5.00 -2.84
CA LYS A 36 9.37 -4.18 -2.08
C LYS A 36 10.57 -3.78 -2.93
N GLU A 37 11.10 -4.73 -3.72
CA GLU A 37 12.23 -4.41 -4.59
C GLU A 37 11.86 -3.37 -5.63
N ASP A 38 10.67 -3.50 -6.21
CA ASP A 38 10.22 -2.51 -7.20
C ASP A 38 10.13 -1.13 -6.58
N GLY A 39 9.55 -1.04 -5.38
CA GLY A 39 9.44 0.26 -4.71
C GLY A 39 10.79 0.87 -4.40
N ILE A 40 11.72 0.06 -3.90
CA ILE A 40 13.06 0.56 -3.60
C ILE A 40 13.73 1.06 -4.86
N SER A 41 13.59 0.32 -5.96
CA SER A 41 14.19 0.76 -7.23
C SER A 41 13.58 2.07 -7.71
N ALA A 42 12.26 2.21 -7.59
CA ALA A 42 11.57 3.39 -8.12
C ALA A 42 11.66 4.60 -7.21
N ALA A 43 12.13 4.45 -5.96
CA ALA A 43 12.21 5.59 -5.06
C ALA A 43 13.23 6.65 -5.47
N LYS A 44 14.11 6.37 -6.43
CA LYS A 44 15.23 7.25 -6.73
C LYS A 44 14.91 8.39 -7.68
N ASP A 45 13.77 8.36 -8.36
CA ASP A 45 13.50 9.33 -9.40
C ASP A 45 13.19 10.71 -8.82
N VAL A 46 13.42 11.74 -9.64
CA VAL A 46 13.12 13.12 -9.30
C VAL A 46 12.02 13.61 -10.23
N LYS A 47 10.95 14.14 -9.66
CA LYS A 47 9.77 14.54 -10.41
C LYS A 47 9.62 16.06 -10.39
N LEU A 48 9.37 16.64 -11.57
CA LEU A 48 9.12 18.07 -11.70
C LEU A 48 7.83 18.27 -12.47
N LEU A 49 6.94 19.12 -11.94
CA LEU A 49 5.75 19.52 -12.67
C LEU A 49 6.08 20.71 -13.56
N LEU A 50 5.40 20.79 -14.70
CA LEU A 50 5.63 21.84 -15.68
C LEU A 50 4.31 22.57 -15.93
N LEU A 51 4.30 23.87 -15.69
CA LEU A 51 3.09 24.67 -15.85
C LEU A 51 3.34 25.88 -16.74
N GLY A 52 2.37 26.78 -16.82
CA GLY A 52 2.46 27.97 -17.63
C GLY A 52 1.19 28.22 -18.40
N ALA A 53 1.20 29.29 -19.19
CA ALA A 53 0.05 29.66 -19.99
C ALA A 53 0.14 29.02 -21.37
N ASP A 54 -0.85 29.30 -22.22
CA ASP A 54 -0.89 28.72 -23.55
C ASP A 54 0.13 29.38 -24.46
N ASN A 55 0.87 28.57 -25.20
CA ASN A 55 1.88 29.04 -26.15
C ASN A 55 2.91 29.94 -25.45
N SER A 56 3.31 29.54 -24.25
CA SER A 56 4.26 30.30 -23.45
C SER A 56 5.70 29.82 -23.62
N GLY A 57 5.94 28.94 -24.59
CA GLY A 57 7.28 28.46 -24.86
C GLY A 57 7.68 27.19 -24.14
N LYS A 58 6.75 26.54 -23.45
CA LYS A 58 7.08 25.28 -22.76
C LYS A 58 7.60 24.24 -23.75
N SER A 59 7.05 24.24 -24.97
CA SER A 59 7.49 23.29 -25.99
C SER A 59 8.97 23.48 -26.31
N THR A 60 9.43 24.73 -26.38
CA THR A 60 10.83 25.00 -26.69
C THR A 60 11.73 24.39 -25.63
N ILE A 61 11.41 24.58 -24.36
CA ILE A 61 12.23 24.00 -23.30
C ILE A 61 12.17 22.48 -23.27
N VAL A 62 10.99 21.88 -23.42
CA VAL A 62 10.95 20.42 -23.35
C VAL A 62 11.65 19.79 -24.55
N LYS A 63 11.56 20.40 -25.74
CA LYS A 63 12.25 19.89 -26.91
C LYS A 63 13.72 20.27 -26.95
N GLN A 64 14.15 21.20 -26.09
CA GLN A 64 15.57 21.56 -26.02
C GLN A 64 16.41 20.45 -25.42
N MET A 65 15.80 19.43 -24.81
CA MET A 65 16.54 18.32 -24.24
C MET A 65 15.75 17.02 -24.38
N THR A 79 -2.29 11.30 -24.71
CA THR A 79 -2.99 12.56 -24.90
C THR A 79 -3.34 13.20 -23.57
N GLY A 80 -3.66 12.36 -22.58
CA GLY A 80 -4.02 12.88 -21.28
C GLY A 80 -2.87 13.58 -20.58
N ILE A 81 -1.69 12.99 -20.65
CA ILE A 81 -0.51 13.55 -19.99
C ILE A 81 0.73 13.06 -20.73
N VAL A 82 1.73 13.93 -20.83
CA VAL A 82 2.97 13.64 -21.56
C VAL A 82 4.12 13.64 -20.56
N GLU A 83 4.91 12.58 -20.57
CA GLU A 83 6.05 12.44 -19.67
C GLU A 83 7.34 12.41 -20.49
N THR A 84 8.34 13.18 -20.03
CA THR A 84 9.66 13.21 -20.65
C THR A 84 10.70 12.96 -19.57
N HIS A 85 11.66 12.08 -19.86
CA HIS A 85 12.72 11.75 -18.92
C HIS A 85 14.07 11.87 -19.60
N PHE A 86 15.04 12.43 -18.87
CA PHE A 86 16.41 12.53 -19.34
C PHE A 86 17.34 12.56 -18.14
N THR A 87 18.60 12.22 -18.38
CA THR A 87 19.60 12.09 -17.33
C THR A 87 20.65 13.18 -17.47
N PHE A 88 20.97 13.84 -16.37
CA PHE A 88 21.97 14.90 -16.35
C PHE A 88 22.75 14.80 -15.05
N LYS A 89 24.02 14.45 -15.13
CA LYS A 89 24.92 14.33 -13.99
C LYS A 89 24.33 13.41 -12.92
N ASN A 90 24.12 12.14 -13.31
CA ASN A 90 23.62 11.10 -12.43
C ASN A 90 22.30 11.49 -11.75
N LEU A 91 21.41 12.16 -12.48
CA LEU A 91 20.11 12.54 -11.97
C LEU A 91 19.06 12.25 -13.03
N HIS A 92 18.03 11.50 -12.66
CA HIS A 92 16.99 11.06 -13.59
C HIS A 92 15.78 11.95 -13.41
N PHE A 93 15.66 12.97 -14.26
CA PHE A 93 14.55 13.90 -14.18
C PHE A 93 13.31 13.31 -14.86
N ARG A 94 12.15 13.84 -14.47
CA ARG A 94 10.88 13.49 -15.09
C ARG A 94 10.02 14.73 -15.16
N LEU A 95 9.64 15.13 -16.37
CA LEU A 95 8.84 16.32 -16.60
C LEU A 95 7.43 15.92 -17.01
N PHE A 96 6.43 16.49 -16.34
CA PHE A 96 5.04 16.18 -16.60
C PHE A 96 4.35 17.39 -17.23
N ASP A 97 3.67 17.17 -18.35
CA ASP A 97 2.92 18.21 -19.04
C ASP A 97 1.44 17.87 -18.96
N VAL A 98 0.65 18.83 -18.47
CA VAL A 98 -0.79 18.61 -18.25
C VAL A 98 -1.59 19.64 -19.05
N GLY A 99 -1.05 20.06 -20.19
CA GLY A 99 -1.73 21.05 -21.00
C GLY A 99 -2.96 20.55 -21.71
N GLY A 100 -3.07 19.23 -21.89
CA GLY A 100 -4.22 18.67 -22.58
C GLY A 100 -5.47 18.49 -21.74
N GLN A 101 -5.37 18.71 -20.43
CA GLN A 101 -6.51 18.54 -19.53
C GLN A 101 -7.32 19.82 -19.51
N ARG A 102 -8.37 19.88 -20.30
CA ARG A 102 -9.23 21.06 -20.38
C ARG A 102 -10.38 20.98 -19.35
N SER A 103 -10.01 20.77 -18.09
CA SER A 103 -10.96 20.67 -17.00
C SER A 103 -10.50 21.55 -15.85
N GLU A 104 -11.37 21.68 -14.84
CA GLU A 104 -11.03 22.47 -13.67
C GLU A 104 -9.81 21.88 -12.96
N ARG A 105 -8.86 22.74 -12.60
CA ARG A 105 -7.61 22.28 -12.01
C ARG A 105 -7.78 21.77 -10.59
N LYS A 106 -8.91 22.04 -9.94
CA LYS A 106 -9.12 21.62 -8.56
C LYS A 106 -9.50 20.15 -8.44
N LYS A 107 -9.78 19.47 -9.55
CA LYS A 107 -10.22 18.08 -9.50
C LYS A 107 -9.08 17.08 -9.60
N TRP A 108 -7.89 17.51 -10.04
CA TRP A 108 -6.77 16.58 -10.18
C TRP A 108 -5.45 17.16 -9.68
N ILE A 109 -5.46 18.26 -8.92
CA ILE A 109 -4.21 18.87 -8.50
C ILE A 109 -3.57 18.13 -7.34
N HIS A 110 -4.33 17.30 -6.61
CA HIS A 110 -3.78 16.57 -5.47
C HIS A 110 -2.93 15.38 -5.89
N CYS A 111 -2.97 14.97 -7.16
CA CYS A 111 -2.16 13.85 -7.59
C CYS A 111 -0.68 14.22 -7.65
N PHE A 112 -0.36 15.50 -7.86
CA PHE A 112 1.02 15.98 -7.93
C PHE A 112 1.45 16.68 -6.66
N GLU A 113 1.00 16.18 -5.50
CA GLU A 113 1.33 16.83 -4.24
C GLU A 113 2.80 16.62 -3.87
N ASP A 114 3.40 15.52 -4.32
CA ASP A 114 4.75 15.15 -3.90
C ASP A 114 5.82 15.53 -4.91
N VAL A 115 5.53 16.48 -5.81
CA VAL A 115 6.52 16.92 -6.78
C VAL A 115 7.64 17.68 -6.06
N THR A 116 8.85 17.58 -6.60
CA THR A 116 9.99 18.25 -5.99
C THR A 116 9.93 19.75 -6.18
N ALA A 117 9.58 20.20 -7.39
CA ALA A 117 9.51 21.61 -7.70
C ALA A 117 8.51 21.83 -8.82
N ILE A 118 8.25 23.10 -9.13
CA ILE A 118 7.33 23.48 -10.20
C ILE A 118 8.05 24.46 -11.11
N ILE A 119 8.05 24.17 -12.41
CA ILE A 119 8.69 25.02 -13.40
C ILE A 119 7.64 25.91 -14.03
N PHE A 120 7.91 27.22 -14.07
CA PHE A 120 6.99 28.20 -14.59
C PHE A 120 7.62 28.95 -15.76
N CYS A 121 6.88 29.06 -16.86
CA CYS A 121 7.34 29.77 -18.04
C CYS A 121 6.46 30.98 -18.29
N VAL A 122 7.09 32.11 -18.62
CA VAL A 122 6.39 33.37 -18.84
C VAL A 122 6.93 34.00 -20.12
N ASP A 123 6.03 34.45 -21.00
CA ASP A 123 6.40 35.09 -22.25
C ASP A 123 6.41 36.60 -22.05
N LEU A 124 7.61 37.19 -22.08
CA LEU A 124 7.73 38.64 -21.88
C LEU A 124 7.09 39.41 -23.03
N SER A 125 7.27 38.94 -24.27
CA SER A 125 6.74 39.62 -25.44
C SER A 125 5.26 39.27 -25.58
N ASP A 126 4.43 40.00 -24.84
CA ASP A 126 2.99 39.78 -24.87
C ASP A 126 2.24 41.05 -24.47
N HIS A 141 -0.67 39.22 -17.83
CA HIS A 141 -1.79 39.51 -16.95
C HIS A 141 -2.41 38.24 -16.39
N GLU A 142 -2.85 37.35 -17.28
CA GLU A 142 -3.41 36.08 -16.85
C GLU A 142 -2.36 35.22 -16.14
N SER A 143 -1.10 35.34 -16.56
CA SER A 143 -0.03 34.63 -15.89
C SER A 143 0.10 35.06 -14.44
N LEU A 144 -0.17 36.33 -14.14
CA LEU A 144 -0.14 36.79 -12.76
C LEU A 144 -1.20 36.08 -11.92
N MET A 145 -2.42 35.96 -12.47
CA MET A 145 -3.49 35.26 -11.75
C MET A 145 -3.16 33.79 -11.56
N LEU A 146 -2.60 33.15 -12.60
CA LEU A 146 -2.20 31.75 -12.47
C LEU A 146 -1.13 31.57 -11.40
N PHE A 147 -0.14 32.47 -11.38
CA PHE A 147 0.92 32.41 -10.39
C PHE A 147 0.36 32.59 -8.98
N ASP A 148 -0.54 33.56 -8.81
CA ASP A 148 -1.15 33.79 -7.51
C ASP A 148 -1.93 32.56 -7.05
N SER A 149 -2.72 31.96 -7.95
CA SER A 149 -3.51 30.80 -7.58
C SER A 149 -2.63 29.61 -7.22
N ILE A 150 -1.55 29.40 -8.00
CA ILE A 150 -0.70 28.23 -7.77
C ILE A 150 0.09 28.38 -6.48
N CYS A 151 0.65 29.57 -6.23
CA CYS A 151 1.54 29.75 -5.08
C CYS A 151 0.82 29.53 -3.76
N ASN A 152 -0.43 30.00 -3.66
CA ASN A 152 -1.18 29.94 -2.40
C ASN A 152 -2.14 28.75 -2.37
N ASN A 153 -1.80 27.65 -3.02
CA ASN A 153 -2.60 26.45 -2.95
C ASN A 153 -2.36 25.73 -1.63
N LYS A 154 -3.39 24.99 -1.18
CA LYS A 154 -3.28 24.27 0.09
C LYS A 154 -2.26 23.15 0.02
N PHE A 155 -2.16 22.47 -1.13
CA PHE A 155 -1.26 21.34 -1.28
C PHE A 155 0.15 21.75 -1.66
N PHE A 156 0.41 23.04 -1.89
CA PHE A 156 1.71 23.49 -2.33
C PHE A 156 2.27 24.56 -1.40
N ILE A 157 2.18 24.33 -0.09
CA ILE A 157 2.62 25.31 0.90
C ILE A 157 4.12 25.26 1.17
N ASP A 158 4.81 24.21 0.72
CA ASP A 158 6.24 24.10 0.96
C ASP A 158 6.98 23.60 -0.28
N THR A 159 6.48 23.95 -1.48
CA THR A 159 7.07 23.52 -2.73
C THR A 159 7.69 24.73 -3.43
N SER A 160 8.97 24.62 -3.76
CA SER A 160 9.67 25.71 -4.43
C SER A 160 9.25 25.80 -5.89
N ILE A 161 9.35 27.00 -6.44
CA ILE A 161 8.95 27.29 -7.82
C ILE A 161 10.14 27.87 -8.56
N ILE A 162 10.43 27.33 -9.75
CA ILE A 162 11.48 27.85 -10.61
C ILE A 162 10.81 28.66 -11.72
N LEU A 163 11.23 29.92 -11.87
CA LEU A 163 10.62 30.83 -12.82
C LEU A 163 11.56 31.04 -14.00
N PHE A 164 11.06 30.80 -15.20
CA PHE A 164 11.82 31.02 -16.43
C PHE A 164 11.20 32.18 -17.19
N LEU A 165 12.04 33.14 -17.56
CA LEU A 165 11.63 34.30 -18.35
C LEU A 165 12.29 34.20 -19.71
N ASN A 166 11.50 33.94 -20.74
CA ASN A 166 12.02 33.70 -22.08
C ASN A 166 11.65 34.86 -23.00
N LYS A 167 12.09 34.75 -24.26
CA LYS A 167 11.84 35.76 -25.29
C LYS A 167 12.37 37.13 -24.87
N LYS A 168 13.56 37.13 -24.26
CA LYS A 168 14.17 38.38 -23.83
C LYS A 168 14.51 39.29 -25.01
N ASP A 169 15.01 38.71 -26.10
CA ASP A 169 15.38 39.50 -27.26
C ASP A 169 14.14 40.17 -27.88
N LEU A 170 13.03 39.44 -27.98
CA LEU A 170 11.80 40.02 -28.50
C LEU A 170 11.31 41.14 -27.59
N PHE A 171 11.42 40.97 -26.28
CA PHE A 171 11.04 42.03 -25.35
C PHE A 171 11.91 43.26 -25.53
N GLY A 172 13.22 43.06 -25.73
CA GLY A 172 14.09 44.20 -25.98
C GLY A 172 13.75 44.93 -27.26
N GLU A 173 13.48 44.18 -28.33
CA GLU A 173 13.07 44.81 -29.59
C GLU A 173 11.77 45.57 -29.43
N LYS A 174 10.80 44.99 -28.71
CA LYS A 174 9.52 45.67 -28.51
C LYS A 174 9.69 46.94 -27.69
N ILE A 175 10.51 46.88 -26.63
CA ILE A 175 10.73 48.08 -25.82
C ILE A 175 11.51 49.13 -26.62
N LYS A 176 12.33 48.70 -27.58
CA LYS A 176 12.92 49.65 -28.51
C LYS A 176 11.88 50.23 -29.46
N LYS A 177 10.80 49.49 -29.72
CA LYS A 177 9.73 49.93 -30.60
C LYS A 177 8.57 50.59 -29.85
N SER A 178 8.07 49.95 -28.80
CA SER A 178 6.91 50.39 -28.06
C SER A 178 7.23 50.46 -26.58
N PRO A 179 6.55 51.33 -25.84
CA PRO A 179 6.84 51.44 -24.40
C PRO A 179 6.22 50.31 -23.60
N LEU A 180 6.54 50.28 -22.31
CA LEU A 180 6.03 49.28 -21.38
C LEU A 180 4.84 49.80 -20.57
N THR A 181 4.38 51.02 -20.85
CA THR A 181 3.28 51.60 -20.10
C THR A 181 1.92 51.05 -20.51
N ILE A 182 1.80 50.44 -21.68
CA ILE A 182 0.51 49.90 -22.10
C ILE A 182 0.14 48.68 -21.26
N CYS A 183 1.10 47.77 -21.05
CA CYS A 183 0.80 46.57 -20.26
C CYS A 183 0.66 46.91 -18.78
N PHE A 184 1.43 47.89 -18.30
CA PHE A 184 1.39 48.34 -16.91
C PHE A 184 1.11 49.84 -16.90
N PRO A 185 -0.16 50.26 -16.86
CA PRO A 185 -0.46 51.70 -16.84
C PRO A 185 0.03 52.41 -15.59
N GLU A 186 0.31 51.69 -14.50
CA GLU A 186 0.75 52.30 -13.26
C GLU A 186 2.27 52.44 -13.16
N TYR A 187 3.01 51.67 -13.94
CA TYR A 187 4.47 51.71 -13.87
C TYR A 187 4.98 53.10 -14.25
N THR A 188 5.87 53.64 -13.41
CA THR A 188 6.44 54.97 -13.61
C THR A 188 7.96 54.90 -13.53
N GLY A 189 8.62 55.64 -14.40
CA GLY A 189 10.06 55.68 -14.43
C GLY A 189 10.60 55.75 -15.85
N PRO A 190 11.85 55.34 -16.03
CA PRO A 190 12.45 55.37 -17.36
C PRO A 190 11.91 54.25 -18.24
N ASN A 191 12.27 54.31 -19.52
CA ASN A 191 11.83 53.33 -20.52
C ASN A 191 13.04 52.49 -20.96
N THR A 192 13.81 52.01 -19.99
CA THR A 192 14.94 51.16 -20.28
C THR A 192 14.57 49.68 -20.17
N TYR A 193 15.32 48.85 -20.88
CA TYR A 193 15.04 47.41 -20.88
C TYR A 193 15.30 46.80 -19.50
N GLU A 194 16.45 47.13 -18.90
CA GLU A 194 16.82 46.51 -17.64
C GLU A 194 15.86 46.90 -16.51
N ASP A 195 15.47 48.17 -16.44
CA ASP A 195 14.53 48.59 -15.41
C ASP A 195 13.17 47.94 -15.58
N ALA A 196 12.71 47.83 -16.83
CA ALA A 196 11.43 47.18 -17.08
C ALA A 196 11.48 45.71 -16.68
N ALA A 197 12.57 45.02 -17.02
CA ALA A 197 12.71 43.62 -16.65
C ALA A 197 12.74 43.45 -15.14
N ALA A 198 13.47 44.32 -14.44
CA ALA A 198 13.53 44.24 -12.99
C ALA A 198 12.16 44.51 -12.37
N TYR A 199 11.42 45.48 -12.91
CA TYR A 199 10.08 45.76 -12.40
C TYR A 199 9.14 44.57 -12.60
N ILE A 200 9.21 43.94 -13.77
CA ILE A 200 8.35 42.77 -14.03
C ILE A 200 8.72 41.62 -13.10
N GLN A 201 10.01 41.36 -12.91
CA GLN A 201 10.42 40.29 -12.01
C GLN A 201 9.99 40.58 -10.58
N ALA A 202 10.11 41.83 -10.14
CA ALA A 202 9.68 42.18 -8.80
C ALA A 202 8.16 42.01 -8.64
N GLN A 203 7.40 42.40 -9.66
CA GLN A 203 5.95 42.19 -9.61
C GLN A 203 5.61 40.71 -9.50
N PHE A 204 6.32 39.87 -10.24
CA PHE A 204 6.06 38.43 -10.18
C PHE A 204 6.46 37.86 -8.81
N GLU A 205 7.57 38.32 -8.26
CA GLU A 205 8.05 37.80 -6.97
C GLU A 205 7.23 38.30 -5.79
N SER A 206 6.56 39.44 -5.92
CA SER A 206 5.79 39.98 -4.80
C SER A 206 4.51 39.20 -4.52
N LYS A 207 4.28 38.09 -5.19
CA LYS A 207 3.08 37.28 -5.00
C LYS A 207 3.28 36.13 -4.02
N ASN A 208 4.45 36.03 -3.39
CA ASN A 208 4.74 34.95 -2.47
C ASN A 208 4.75 35.49 -1.04
N ARG A 209 4.03 34.82 -0.15
CA ARG A 209 3.91 35.24 1.24
C ARG A 209 4.47 34.23 2.23
N SER A 210 4.47 32.95 1.91
CA SER A 210 4.98 31.93 2.82
C SER A 210 6.49 32.05 2.94
N PRO A 211 7.03 32.20 4.15
CA PRO A 211 8.50 32.34 4.28
C PRO A 211 9.27 31.07 3.98
N ASN A 212 8.61 29.91 3.91
CA ASN A 212 9.29 28.63 3.80
C ASN A 212 9.58 28.22 2.36
N LYS A 213 9.20 29.02 1.37
CA LYS A 213 9.45 28.69 -0.03
C LYS A 213 10.16 29.85 -0.72
N GLU A 214 10.99 29.51 -1.69
CA GLU A 214 11.78 30.48 -2.43
C GLU A 214 11.50 30.35 -3.92
N ILE A 215 11.64 31.46 -4.63
CA ILE A 215 11.38 31.53 -6.07
C ILE A 215 12.68 31.88 -6.77
N TYR A 216 13.11 31.02 -7.68
CA TYR A 216 14.31 31.25 -8.49
C TYR A 216 13.90 31.80 -9.85
N CYS A 217 14.56 32.86 -10.29
CA CYS A 217 14.23 33.55 -11.53
C CYS A 217 15.45 33.62 -12.43
N HIS A 218 15.28 33.24 -13.70
CA HIS A 218 16.33 33.34 -14.69
C HIS A 218 15.73 33.85 -16.00
N MET A 219 16.50 34.66 -16.72
CA MET A 219 16.05 35.25 -17.98
C MET A 219 16.65 34.48 -19.15
N THR A 220 15.80 34.03 -20.05
CA THR A 220 16.22 33.22 -21.18
C THR A 220 15.87 33.92 -22.50
N CYS A 221 16.53 33.47 -23.56
CA CYS A 221 16.27 33.97 -24.90
C CYS A 221 16.02 32.87 -25.91
N ALA A 222 16.02 31.61 -25.49
CA ALA A 222 15.73 30.43 -26.31
C ALA A 222 16.85 30.13 -27.29
N THR A 223 17.81 31.04 -27.41
CA THR A 223 19.03 30.79 -28.18
C THR A 223 20.18 30.42 -27.25
N ASP A 224 20.00 29.31 -26.53
CA ASP A 224 20.97 28.87 -25.54
C ASP A 224 20.63 27.45 -25.13
N THR A 225 21.58 26.80 -24.44
CA THR A 225 21.39 25.46 -23.92
C THR A 225 21.83 25.39 -22.45
N ASN A 226 21.59 26.47 -21.70
CA ASN A 226 22.00 26.56 -20.30
C ASN A 226 20.84 26.31 -19.34
N ASN A 227 19.67 25.91 -19.85
CA ASN A 227 18.52 25.67 -18.98
C ASN A 227 18.76 24.49 -18.04
N ALA A 228 19.44 23.46 -18.55
CA ALA A 228 19.69 22.26 -17.75
C ALA A 228 20.52 22.60 -16.51
N GLN A 229 21.54 23.45 -16.66
CA GLN A 229 22.37 23.82 -15.52
C GLN A 229 21.55 24.59 -14.48
N VAL A 230 20.69 25.50 -14.91
CA VAL A 230 19.87 26.25 -13.97
C VAL A 230 18.94 25.33 -13.21
N ILE A 231 18.28 24.41 -13.93
CA ILE A 231 17.39 23.46 -13.27
C ILE A 231 18.17 22.59 -12.29
N PHE A 232 19.39 22.18 -12.69
CA PHE A 232 20.21 21.33 -11.83
C PHE A 232 20.59 22.06 -10.54
N ASP A 233 21.01 23.32 -10.64
CA ASP A 233 21.39 24.07 -9.45
C ASP A 233 20.20 24.28 -8.53
N ALA A 234 19.06 24.69 -9.09
CA ALA A 234 17.87 24.89 -8.25
C ALA A 234 17.45 23.59 -7.58
N VAL A 235 17.51 22.47 -8.30
CA VAL A 235 17.11 21.19 -7.74
C VAL A 235 18.07 20.76 -6.63
N THR A 236 19.37 21.00 -6.81
CA THR A 236 20.32 20.65 -5.77
C THR A 236 20.06 21.45 -4.50
N ASP A 237 19.81 22.76 -4.65
CA ASP A 237 19.51 23.57 -3.47
C ASP A 237 18.23 23.11 -2.78
N ILE A 238 17.20 22.78 -3.55
CA ILE A 238 15.94 22.32 -2.98
C ILE A 238 16.15 21.00 -2.24
N ILE A 239 16.93 20.10 -2.82
CA ILE A 239 17.19 18.80 -2.20
C ILE A 239 17.92 18.98 -0.88
N ILE A 240 18.95 19.85 -0.88
CA ILE A 240 19.69 20.10 0.36
C ILE A 240 18.77 20.68 1.43
N ALA A 241 17.93 21.64 1.06
CA ALA A 241 17.03 22.25 2.03
C ALA A 241 16.04 21.23 2.60
N ASN A 242 15.46 20.38 1.74
CA ASN A 242 14.51 19.38 2.20
C ASN A 242 15.19 18.37 3.11
N ASN A 243 16.40 17.92 2.75
CA ASN A 243 17.13 16.99 3.60
C ASN A 243 17.41 17.58 4.97
N LEU A 244 17.81 18.86 5.00
CA LEU A 244 18.10 19.50 6.28
C LEU A 244 16.84 19.67 7.10
N ARG A 245 15.71 20.02 6.46
CA ARG A 245 14.46 20.19 7.20
C ARG A 245 13.98 18.86 7.77
N GLY A 246 14.17 17.76 7.03
CA GLY A 246 13.72 16.47 7.51
C GLY A 246 14.45 16.01 8.76
N CYS A 247 15.77 16.24 8.82
CA CYS A 247 16.56 15.76 9.95
C CYS A 247 16.24 16.49 11.25
N GLY A 248 15.79 17.73 11.18
CA GLY A 248 15.40 18.46 12.37
C GLY A 248 16.32 19.58 12.80
N LEU A 249 17.35 19.91 12.02
CA LEU A 249 18.23 21.03 12.32
C LEU A 249 17.80 22.31 11.61
N TYR A 250 16.69 22.28 10.88
CA TYR A 250 16.25 23.44 10.12
C TYR A 250 14.90 23.94 10.63
N GLU B 13 -37.43 34.40 -29.85
CA GLU B 13 -38.05 33.22 -29.27
C GLU B 13 -37.16 32.62 -28.18
N LEU B 14 -35.89 33.04 -28.16
CA LEU B 14 -34.95 32.53 -27.15
C LEU B 14 -35.41 32.92 -25.75
N ASP B 15 -35.81 34.18 -25.57
CA ASP B 15 -36.32 34.61 -24.26
C ASP B 15 -37.62 33.89 -23.92
N GLN B 16 -38.49 33.69 -24.91
CA GLN B 16 -39.73 32.97 -24.66
C GLN B 16 -39.45 31.53 -24.26
N LEU B 17 -38.48 30.88 -24.92
CA LEU B 17 -38.14 29.51 -24.57
C LEU B 17 -37.50 29.43 -23.20
N ARG B 18 -36.68 30.42 -22.83
CA ARG B 18 -36.13 30.45 -21.49
C ARG B 18 -37.22 30.61 -20.44
N GLN B 19 -38.20 31.48 -20.70
CA GLN B 19 -39.32 31.64 -19.78
C GLN B 19 -40.13 30.35 -19.68
N GLU B 20 -40.33 29.66 -20.81
CA GLU B 20 -41.05 28.40 -20.78
C GLU B 20 -40.30 27.36 -19.95
N ALA B 21 -38.97 27.30 -20.09
CA ALA B 21 -38.18 26.39 -19.28
C ALA B 21 -38.29 26.74 -17.80
N GLU B 22 -38.26 28.03 -17.47
CA GLU B 22 -38.40 28.44 -16.07
C GLU B 22 -39.77 28.06 -15.51
N GLN B 23 -40.83 28.24 -16.30
CA GLN B 23 -42.16 27.87 -15.83
C GLN B 23 -42.30 26.35 -15.71
N LEU B 24 -41.65 25.60 -16.58
CA LEU B 24 -41.65 24.14 -16.45
C LEU B 24 -40.93 23.70 -15.17
N LYS B 25 -39.80 24.35 -14.87
CA LYS B 25 -39.10 24.06 -13.61
C LYS B 25 -39.96 24.40 -12.41
N ASN B 26 -40.67 25.53 -12.47
CA ASN B 26 -41.56 25.89 -11.37
C ASN B 26 -42.68 24.87 -11.21
N GLN B 27 -43.25 24.40 -12.32
CA GLN B 27 -44.30 23.38 -12.25
C GLN B 27 -43.75 22.08 -11.66
N ILE B 28 -42.54 21.68 -12.06
CA ILE B 28 -41.94 20.46 -11.53
C ILE B 28 -41.71 20.60 -10.03
N ARG B 29 -41.20 21.76 -9.59
CA ARG B 29 -40.97 21.97 -8.16
C ARG B 29 -42.27 21.94 -7.38
N ASP B 30 -43.32 22.57 -7.91
CA ASP B 30 -44.61 22.55 -7.23
C ASP B 30 -45.17 21.14 -7.13
N ALA B 31 -45.06 20.36 -8.21
CA ALA B 31 -45.53 18.98 -8.18
C ALA B 31 -44.75 18.15 -7.18
N ARG B 32 -43.43 18.32 -7.13
CA ARG B 32 -42.61 17.56 -6.20
C ARG B 32 -42.94 17.93 -4.75
N LYS B 33 -43.16 19.22 -4.47
CA LYS B 33 -43.46 19.65 -3.12
C LYS B 33 -44.89 19.37 -2.69
N ALA B 34 -45.80 19.16 -3.65
CA ALA B 34 -47.19 18.91 -3.29
C ALA B 34 -47.41 17.52 -2.71
N CYS B 35 -46.48 16.59 -2.91
CA CYS B 35 -46.61 15.22 -2.44
C CYS B 35 -45.95 14.99 -1.08
N ALA B 36 -45.43 16.02 -0.44
CA ALA B 36 -44.73 15.89 0.84
C ALA B 36 -45.72 16.19 1.96
N ASP B 37 -46.54 15.18 2.28
CA ASP B 37 -47.52 15.34 3.36
C ASP B 37 -46.87 15.23 4.73
N ALA B 38 -45.84 14.40 4.88
CA ALA B 38 -45.23 14.16 6.17
C ALA B 38 -43.72 14.00 5.98
N THR B 39 -43.03 13.67 7.08
CA THR B 39 -41.58 13.53 7.09
C THR B 39 -41.21 12.16 7.66
N LEU B 40 -40.06 11.64 7.20
CA LEU B 40 -39.61 10.34 7.66
C LEU B 40 -39.33 10.34 9.15
N SER B 41 -38.72 11.42 9.67
CA SER B 41 -38.40 11.50 11.09
C SER B 41 -39.66 11.47 11.95
N GLN B 42 -40.75 12.04 11.48
CA GLN B 42 -42.01 11.98 12.22
C GLN B 42 -42.52 10.55 12.33
N ILE B 43 -42.43 9.79 11.24
CA ILE B 43 -43.01 8.45 11.21
C ILE B 43 -42.12 7.45 11.94
N THR B 44 -40.80 7.63 11.92
CA THR B 44 -39.89 6.72 12.61
C THR B 44 -39.46 7.26 13.97
N ASN B 45 -40.38 7.93 14.68
CA ASN B 45 -40.08 8.47 15.99
C ASN B 45 -40.42 7.52 17.14
N ASN B 46 -41.22 6.49 16.88
CA ASN B 46 -41.63 5.54 17.92
C ASN B 46 -40.91 4.20 17.79
N ILE B 47 -39.64 4.21 17.41
CA ILE B 47 -38.86 3.00 17.21
C ILE B 47 -37.62 3.06 18.10
N ASP B 48 -37.34 1.95 18.78
CA ASP B 48 -36.19 1.89 19.67
C ASP B 48 -34.89 2.11 18.89
N PRO B 49 -33.92 2.78 19.48
CA PRO B 49 -32.67 3.06 18.77
C PRO B 49 -31.75 1.86 18.73
N VAL B 50 -30.84 1.87 17.75
CA VAL B 50 -29.89 0.78 17.60
C VAL B 50 -28.90 0.76 18.76
N GLY B 51 -28.60 1.93 19.32
CA GLY B 51 -27.66 2.01 20.42
C GLY B 51 -26.21 2.15 19.96
N ARG B 52 -25.31 1.75 20.86
CA ARG B 52 -23.89 1.81 20.56
C ARG B 52 -23.45 0.57 19.79
N ILE B 53 -22.68 0.78 18.73
CA ILE B 53 -22.17 -0.29 17.89
C ILE B 53 -20.69 -0.02 17.68
N GLN B 54 -19.84 -0.63 18.50
CA GLN B 54 -18.39 -0.49 18.39
C GLN B 54 -17.82 -1.69 17.65
N MET B 55 -16.96 -1.40 16.67
CA MET B 55 -16.33 -2.44 15.85
C MET B 55 -14.82 -2.41 16.08
N ARG B 56 -14.22 -3.59 16.11
CA ARG B 56 -12.80 -3.75 16.39
C ARG B 56 -12.07 -4.23 15.13
N THR B 57 -10.85 -3.75 14.96
CA THR B 57 -10.04 -4.13 13.81
C THR B 57 -9.61 -5.59 13.94
N ARG B 58 -9.83 -6.37 12.88
CA ARG B 58 -9.46 -7.77 12.85
C ARG B 58 -8.19 -8.04 12.05
N ARG B 59 -8.12 -7.54 10.82
CA ARG B 59 -6.98 -7.74 9.96
C ARG B 59 -6.44 -6.38 9.51
N THR B 60 -5.24 -6.41 8.91
CA THR B 60 -4.62 -5.19 8.41
C THR B 60 -3.69 -5.57 7.27
N LEU B 61 -4.05 -5.19 6.05
CA LEU B 61 -3.26 -5.48 4.86
C LEU B 61 -2.35 -4.29 4.56
N ARG B 62 -1.04 -4.55 4.47
CA ARG B 62 -0.04 -3.50 4.23
C ARG B 62 0.87 -3.94 3.09
N GLY B 63 0.48 -3.63 1.86
CA GLY B 63 1.29 -3.95 0.71
C GLY B 63 1.63 -2.77 -0.17
N HIS B 64 0.78 -1.74 -0.15
CA HIS B 64 0.95 -0.61 -1.03
C HIS B 64 1.98 0.38 -0.47
N LEU B 65 2.41 1.31 -1.32
CA LEU B 65 3.40 2.30 -0.95
C LEU B 65 2.95 3.73 -1.17
N ALA B 66 1.84 3.97 -1.87
CA ALA B 66 1.35 5.32 -2.09
C ALA B 66 -0.12 5.41 -1.69
N LYS B 67 -0.76 6.53 -2.00
CA LYS B 67 -2.16 6.72 -1.62
C LYS B 67 -3.07 5.76 -2.38
N ILE B 68 -4.02 5.17 -1.67
CA ILE B 68 -4.98 4.25 -2.25
C ILE B 68 -6.21 5.03 -2.71
N TYR B 69 -6.61 4.82 -3.96
CA TYR B 69 -7.69 5.61 -4.55
C TYR B 69 -8.97 4.82 -4.80
N ALA B 70 -8.93 3.49 -4.77
CA ALA B 70 -10.13 2.71 -5.02
C ALA B 70 -9.96 1.30 -4.46
N MET B 71 -11.09 0.63 -4.28
CA MET B 71 -11.13 -0.76 -3.85
C MET B 71 -12.48 -1.35 -4.24
N HIS B 72 -12.55 -2.67 -4.28
CA HIS B 72 -13.79 -3.34 -4.64
C HIS B 72 -13.82 -4.74 -4.04
N TRP B 73 -15.03 -5.23 -3.78
CA TRP B 73 -15.25 -6.54 -3.18
C TRP B 73 -15.64 -7.55 -4.24
N GLY B 74 -15.06 -8.75 -4.14
CA GLY B 74 -15.47 -9.83 -5.02
C GLY B 74 -16.83 -10.38 -4.63
N THR B 75 -17.44 -11.09 -5.59
CA THR B 75 -18.76 -11.66 -5.34
C THR B 75 -18.73 -12.85 -4.38
N ASP B 76 -17.54 -13.35 -4.05
CA ASP B 76 -17.38 -14.49 -3.15
C ASP B 76 -17.23 -14.04 -1.70
N SER B 77 -17.23 -12.73 -1.44
CA SER B 77 -17.06 -12.17 -0.10
C SER B 77 -15.73 -12.57 0.53
N ARG B 78 -14.76 -12.95 -0.27
CA ARG B 78 -13.44 -13.36 0.22
C ARG B 78 -12.30 -12.61 -0.46
N LEU B 79 -12.43 -12.28 -1.74
CA LEU B 79 -11.37 -11.64 -2.50
C LEU B 79 -11.67 -10.15 -2.68
N LEU B 80 -10.63 -9.33 -2.57
CA LEU B 80 -10.73 -7.89 -2.75
C LEU B 80 -9.61 -7.41 -3.65
N VAL B 81 -9.90 -6.36 -4.43
CA VAL B 81 -8.93 -5.76 -5.34
C VAL B 81 -8.68 -4.32 -4.90
N SER B 82 -7.41 -3.93 -4.86
CA SER B 82 -7.00 -2.60 -4.42
C SER B 82 -6.16 -1.94 -5.51
N ALA B 83 -6.42 -0.67 -5.76
CA ALA B 83 -5.71 0.10 -6.77
C ALA B 83 -5.04 1.30 -6.10
N SER B 84 -3.73 1.43 -6.28
CA SER B 84 -2.96 2.51 -5.70
C SER B 84 -2.20 3.25 -6.79
N GLN B 85 -1.75 4.45 -6.47
CA GLN B 85 -1.04 5.30 -7.42
C GLN B 85 0.43 4.93 -7.57
N ASP B 86 0.82 3.75 -7.13
CA ASP B 86 2.18 3.25 -7.34
C ASP B 86 2.32 2.47 -8.63
N GLY B 87 1.25 2.37 -9.42
CA GLY B 87 1.29 1.62 -10.66
C GLY B 87 1.02 0.13 -10.53
N LYS B 88 0.40 -0.30 -9.43
CA LYS B 88 0.14 -1.71 -9.19
C LYS B 88 -1.29 -1.91 -8.73
N LEU B 89 -1.80 -3.12 -8.95
CA LEU B 89 -3.11 -3.53 -8.47
C LEU B 89 -2.99 -4.95 -7.94
N ILE B 90 -3.39 -5.15 -6.70
CA ILE B 90 -3.23 -6.44 -6.04
C ILE B 90 -4.61 -7.05 -5.77
N ILE B 91 -4.63 -8.35 -5.55
CA ILE B 91 -5.83 -9.10 -5.19
C ILE B 91 -5.58 -9.75 -3.84
N TRP B 92 -6.41 -9.44 -2.86
CA TRP B 92 -6.21 -9.88 -1.48
C TRP B 92 -7.11 -11.03 -1.12
N ASP B 93 -6.64 -11.87 -0.21
CA ASP B 93 -7.44 -12.91 0.42
C ASP B 93 -7.74 -12.44 1.85
N SER B 94 -8.99 -12.05 2.09
CA SER B 94 -9.32 -11.37 3.34
C SER B 94 -9.30 -12.32 4.54
N TYR B 95 -9.54 -13.61 4.31
CA TYR B 95 -9.58 -14.56 5.42
C TYR B 95 -8.19 -14.95 5.91
N THR B 96 -7.14 -14.64 5.16
CA THR B 96 -5.78 -15.05 5.49
C THR B 96 -4.75 -13.94 5.34
N THR B 97 -5.10 -12.83 4.69
CA THR B 97 -4.21 -11.73 4.34
C THR B 97 -3.14 -12.14 3.34
N ASN B 98 -3.38 -13.19 2.55
CA ASN B 98 -2.46 -13.60 1.52
C ASN B 98 -2.71 -12.83 0.23
N LYS B 99 -1.64 -12.64 -0.55
CA LYS B 99 -1.72 -11.98 -1.84
C LYS B 99 -1.74 -13.01 -2.95
N VAL B 100 -2.60 -12.79 -3.95
CA VAL B 100 -2.82 -13.74 -5.03
C VAL B 100 -2.18 -13.26 -6.33
N HIS B 101 -2.37 -11.98 -6.68
CA HIS B 101 -1.88 -11.45 -7.93
C HIS B 101 -1.29 -10.06 -7.70
N ALA B 102 -0.44 -9.64 -8.64
CA ALA B 102 0.12 -8.29 -8.65
C ALA B 102 0.30 -7.88 -10.09
N ILE B 103 -0.54 -6.97 -10.56
CA ILE B 103 -0.61 -6.60 -11.97
C ILE B 103 0.03 -5.22 -12.14
N PRO B 104 1.12 -5.10 -12.90
CA PRO B 104 1.69 -3.77 -13.16
C PRO B 104 0.93 -3.04 -14.25
N LEU B 105 0.80 -1.73 -14.07
CA LEU B 105 0.07 -0.89 -15.00
C LEU B 105 1.02 -0.18 -15.95
N ARG B 106 0.45 0.40 -17.01
CA ARG B 106 1.22 1.19 -17.97
C ARG B 106 1.27 2.67 -17.56
N SER B 107 0.16 3.22 -17.12
CA SER B 107 0.08 4.60 -16.64
C SER B 107 -0.19 4.60 -15.14
N SER B 108 0.63 5.30 -14.39
CA SER B 108 0.55 5.27 -12.93
C SER B 108 -0.58 6.14 -12.37
N TRP B 109 -1.22 6.95 -13.20
CA TRP B 109 -2.30 7.82 -12.73
C TRP B 109 -3.62 7.07 -12.83
N VAL B 110 -3.95 6.36 -11.76
CA VAL B 110 -5.13 5.50 -11.69
C VAL B 110 -6.10 6.09 -10.67
N MET B 111 -7.38 6.09 -11.02
CA MET B 111 -8.41 6.65 -10.16
C MET B 111 -9.61 5.73 -9.93
N THR B 112 -9.61 4.53 -10.48
CA THR B 112 -10.78 3.64 -10.35
C THR B 112 -10.35 2.21 -10.57
N CYS B 113 -11.20 1.28 -10.12
CA CYS B 113 -10.99 -0.14 -10.33
C CYS B 113 -12.32 -0.85 -10.17
N ALA B 114 -12.41 -2.06 -10.72
CA ALA B 114 -13.63 -2.84 -10.65
C ALA B 114 -13.29 -4.33 -10.69
N TYR B 115 -14.23 -5.14 -10.21
CA TYR B 115 -14.10 -6.59 -10.19
C TYR B 115 -15.31 -7.21 -10.85
N ALA B 116 -15.08 -8.07 -11.84
CA ALA B 116 -16.19 -8.70 -12.55
C ALA B 116 -16.97 -9.61 -11.61
N PRO B 117 -18.29 -9.67 -11.75
CA PRO B 117 -19.08 -10.54 -10.87
C PRO B 117 -18.71 -12.02 -10.99
N SER B 118 -18.32 -12.47 -12.17
CA SER B 118 -17.90 -13.85 -12.35
C SER B 118 -16.50 -14.12 -11.83
N GLY B 119 -15.70 -13.08 -11.63
CA GLY B 119 -14.36 -13.23 -11.09
C GLY B 119 -13.28 -13.48 -12.11
N ASN B 120 -13.51 -13.18 -13.40
CA ASN B 120 -12.55 -13.44 -14.44
C ASN B 120 -11.84 -12.21 -14.96
N TYR B 121 -12.41 -11.01 -14.79
CA TYR B 121 -11.84 -9.80 -15.34
C TYR B 121 -11.78 -8.72 -14.26
N VAL B 122 -10.88 -7.77 -14.48
CA VAL B 122 -10.80 -6.53 -13.71
C VAL B 122 -10.70 -5.38 -14.70
N ALA B 123 -10.91 -4.16 -14.20
CA ALA B 123 -10.84 -2.96 -15.01
C ALA B 123 -10.07 -1.88 -14.28
N CYS B 124 -9.54 -0.93 -15.05
CA CYS B 124 -8.75 0.16 -14.49
C CYS B 124 -8.79 1.35 -15.43
N GLY B 125 -8.66 2.54 -14.87
CA GLY B 125 -8.67 3.76 -15.64
C GLY B 125 -8.07 4.89 -14.83
N GLY B 126 -8.00 6.07 -15.46
CA GLY B 126 -7.45 7.22 -14.78
C GLY B 126 -7.27 8.45 -15.65
N LEU B 127 -6.11 9.10 -15.54
CA LEU B 127 -5.84 10.34 -16.26
C LEU B 127 -5.45 10.12 -17.71
N ASP B 128 -5.27 8.89 -18.15
CA ASP B 128 -4.88 8.59 -19.52
C ASP B 128 -6.07 8.46 -20.46
N ASN B 129 -7.29 8.63 -19.95
CA ASN B 129 -8.52 8.60 -20.73
C ASN B 129 -8.78 7.24 -21.37
N ILE B 130 -8.10 6.19 -20.91
CA ILE B 130 -8.19 4.86 -21.49
C ILE B 130 -8.54 3.88 -20.40
N CYS B 131 -9.54 3.03 -20.66
CA CYS B 131 -9.97 1.99 -19.72
C CYS B 131 -9.42 0.65 -20.20
N SER B 132 -8.84 -0.12 -19.28
CA SER B 132 -8.18 -1.37 -19.59
C SER B 132 -8.94 -2.55 -18.99
N ILE B 133 -8.84 -3.70 -19.65
CA ILE B 133 -9.45 -4.93 -19.20
C ILE B 133 -8.36 -5.99 -19.09
N TYR B 134 -8.38 -6.76 -18.02
CA TYR B 134 -7.36 -7.77 -17.76
C TYR B 134 -8.01 -9.14 -17.63
N ASN B 135 -7.33 -10.17 -18.11
CA ASN B 135 -7.81 -11.54 -18.08
C ASN B 135 -7.08 -12.31 -17.00
N LEU B 136 -7.83 -12.92 -16.09
CA LEU B 136 -7.25 -13.58 -14.92
C LEU B 136 -7.18 -15.10 -15.04
N LYS B 137 -7.78 -15.69 -16.07
CA LYS B 137 -7.85 -17.13 -16.23
C LYS B 137 -7.16 -17.58 -17.52
N THR B 138 -5.97 -17.02 -17.77
CA THR B 138 -5.22 -17.39 -18.96
C THR B 138 -4.70 -18.82 -18.85
N ARG B 139 -4.65 -19.49 -20.00
CA ARG B 139 -4.13 -20.86 -20.04
C ARG B 139 -2.62 -20.90 -19.83
N GLU B 140 -1.92 -19.85 -20.24
CA GLU B 140 -0.46 -19.82 -20.22
C GLU B 140 0.11 -19.22 -18.93
N GLY B 141 -0.70 -19.07 -17.88
CA GLY B 141 -0.19 -18.55 -16.64
C GLY B 141 -0.52 -17.11 -16.34
N ASN B 142 0.42 -16.21 -16.61
CA ASN B 142 0.34 -14.82 -16.17
C ASN B 142 -0.86 -14.10 -16.76
N VAL B 143 -1.11 -12.91 -16.25
CA VAL B 143 -2.26 -12.09 -16.63
C VAL B 143 -1.89 -11.21 -17.81
N ARG B 144 -2.75 -11.20 -18.83
CA ARG B 144 -2.53 -10.41 -20.03
C ARG B 144 -3.66 -9.42 -20.23
N VAL B 145 -3.36 -8.33 -20.93
CA VAL B 145 -4.35 -7.30 -21.20
C VAL B 145 -5.25 -7.76 -22.35
N SER B 146 -6.55 -7.80 -22.10
CA SER B 146 -7.51 -8.32 -23.08
C SER B 146 -8.09 -7.25 -23.98
N ARG B 147 -8.06 -5.98 -23.57
CA ARG B 147 -8.67 -4.91 -24.35
C ARG B 147 -8.12 -3.59 -23.86
N GLU B 148 -8.31 -2.55 -24.69
CA GLU B 148 -7.92 -1.18 -24.35
C GLU B 148 -8.91 -0.24 -25.03
N LEU B 149 -9.92 0.21 -24.28
CA LEU B 149 -10.91 1.12 -24.80
C LEU B 149 -10.41 2.56 -24.74
N ALA B 150 -10.67 3.32 -25.79
CA ALA B 150 -10.21 4.71 -25.86
C ALA B 150 -11.22 5.50 -26.70
N GLY B 151 -12.15 6.17 -26.03
CA GLY B 151 -13.10 7.02 -26.72
C GLY B 151 -13.40 8.32 -26.01
N HIS B 152 -12.83 8.49 -24.82
CA HIS B 152 -13.12 9.64 -23.97
C HIS B 152 -12.05 10.71 -24.11
N THR B 153 -12.48 11.96 -24.14
CA THR B 153 -11.58 13.10 -24.19
C THR B 153 -11.27 13.68 -22.81
N GLY B 154 -11.82 13.08 -21.75
CA GLY B 154 -11.55 13.53 -20.40
C GLY B 154 -11.21 12.34 -19.51
N TYR B 155 -10.65 12.66 -18.34
CA TYR B 155 -10.24 11.62 -17.41
C TYR B 155 -11.43 10.79 -16.97
N LEU B 156 -11.24 9.47 -16.94
CA LEU B 156 -12.28 8.56 -16.48
C LEU B 156 -12.26 8.47 -14.96
N SER B 157 -13.45 8.55 -14.35
CA SER B 157 -13.55 8.60 -12.90
C SER B 157 -14.22 7.38 -12.28
N CYS B 158 -14.95 6.57 -13.05
CA CYS B 158 -15.60 5.39 -12.51
C CYS B 158 -15.87 4.40 -13.63
N CYS B 159 -15.88 3.12 -13.26
CA CYS B 159 -16.20 2.05 -14.20
C CYS B 159 -16.76 0.87 -13.42
N ARG B 160 -17.91 0.37 -13.86
CA ARG B 160 -18.59 -0.72 -13.18
C ARG B 160 -19.02 -1.77 -14.18
N PHE B 161 -18.73 -3.03 -13.89
CA PHE B 161 -19.09 -4.12 -14.79
C PHE B 161 -20.59 -4.38 -14.79
N LEU B 162 -21.10 -4.80 -15.95
CA LEU B 162 -22.47 -5.32 -16.08
C LEU B 162 -22.48 -6.83 -16.15
N ASP B 163 -21.72 -7.40 -17.08
CA ASP B 163 -21.45 -8.84 -17.14
C ASP B 163 -20.07 -9.00 -17.76
N ASP B 164 -19.76 -10.21 -18.23
CA ASP B 164 -18.44 -10.46 -18.79
C ASP B 164 -18.21 -9.77 -20.13
N ASN B 165 -19.24 -9.20 -20.74
CA ASN B 165 -19.13 -8.64 -22.09
C ASN B 165 -19.18 -7.12 -22.14
N GLN B 166 -19.94 -6.46 -21.28
CA GLN B 166 -20.16 -5.03 -21.37
C GLN B 166 -19.78 -4.34 -20.07
N ILE B 167 -19.48 -3.03 -20.20
CA ILE B 167 -19.05 -2.22 -19.07
C ILE B 167 -19.57 -0.80 -19.29
N VAL B 168 -19.80 -0.09 -18.19
CA VAL B 168 -20.26 1.30 -18.23
C VAL B 168 -19.23 2.16 -17.51
N THR B 169 -18.84 3.27 -18.14
CA THR B 169 -17.79 4.14 -17.64
C THR B 169 -18.29 5.57 -17.54
N SER B 170 -17.78 6.29 -16.54
CA SER B 170 -18.08 7.69 -16.32
C SER B 170 -16.79 8.49 -16.43
N SER B 171 -16.82 9.55 -17.24
CA SER B 171 -15.62 10.33 -17.54
C SER B 171 -15.81 11.77 -17.12
N GLY B 172 -14.69 12.49 -17.06
CA GLY B 172 -14.68 13.88 -16.67
C GLY B 172 -15.02 14.88 -17.75
N ASP B 173 -15.33 14.41 -18.97
CA ASP B 173 -15.77 15.28 -20.05
C ASP B 173 -17.28 15.35 -20.16
N THR B 174 -17.98 15.22 -19.03
CA THR B 174 -19.43 15.38 -18.94
C THR B 174 -20.18 14.37 -19.81
N THR B 175 -19.64 13.16 -19.98
CA THR B 175 -20.29 12.13 -20.76
C THR B 175 -20.16 10.78 -20.07
N CYS B 176 -21.13 9.91 -20.34
CA CYS B 176 -21.12 8.53 -19.89
C CYS B 176 -21.40 7.64 -21.09
N ALA B 177 -20.71 6.51 -21.17
CA ALA B 177 -20.81 5.64 -22.33
C ALA B 177 -20.93 4.19 -21.90
N LEU B 178 -21.64 3.41 -22.71
CA LEU B 178 -21.75 1.96 -22.54
C LEU B 178 -20.96 1.29 -23.66
N TRP B 179 -20.05 0.40 -23.28
CA TRP B 179 -19.10 -0.18 -24.22
C TRP B 179 -19.45 -1.65 -24.50
N ASP B 180 -18.59 -2.28 -25.29
CA ASP B 180 -18.69 -3.71 -25.59
C ASP B 180 -17.27 -4.25 -25.67
N ILE B 181 -16.86 -5.02 -24.66
CA ILE B 181 -15.47 -5.46 -24.55
C ILE B 181 -15.08 -6.39 -25.69
N GLU B 182 -16.04 -6.95 -26.41
CA GLU B 182 -15.71 -7.84 -27.52
C GLU B 182 -15.10 -7.08 -28.69
N THR B 183 -15.68 -5.93 -29.04
CA THR B 183 -15.22 -5.12 -30.15
C THR B 183 -14.61 -3.79 -29.74
N GLY B 184 -14.92 -3.29 -28.53
CA GLY B 184 -14.38 -2.02 -28.10
C GLY B 184 -15.03 -0.81 -28.71
N GLN B 185 -16.32 -0.88 -29.03
CA GLN B 185 -17.04 0.21 -29.66
C GLN B 185 -18.15 0.70 -28.73
N GLN B 186 -18.37 2.02 -28.73
CA GLN B 186 -19.39 2.62 -27.88
C GLN B 186 -20.78 2.24 -28.40
N THR B 187 -21.51 1.43 -27.63
CA THR B 187 -22.87 1.10 -28.01
C THR B 187 -23.81 2.28 -27.80
N THR B 188 -23.70 2.95 -26.66
CA THR B 188 -24.58 4.06 -26.32
C THR B 188 -23.77 5.12 -25.58
N THR B 189 -24.22 6.36 -25.68
CA THR B 189 -23.59 7.49 -25.00
C THR B 189 -24.65 8.31 -24.29
N PHE B 190 -24.39 8.67 -23.04
CA PHE B 190 -25.29 9.48 -22.23
C PHE B 190 -24.69 10.87 -22.05
N THR B 191 -25.46 11.89 -22.41
CA THR B 191 -25.03 13.28 -22.29
C THR B 191 -26.11 14.09 -21.58
N GLY B 192 -25.71 15.26 -21.07
CA GLY B 192 -26.66 16.14 -20.43
C GLY B 192 -26.13 16.87 -19.22
N HIS B 193 -25.13 16.31 -18.54
CA HIS B 193 -24.58 16.97 -17.38
C HIS B 193 -23.73 18.16 -17.80
N THR B 194 -23.41 19.01 -16.83
CA THR B 194 -22.65 20.24 -17.07
C THR B 194 -21.19 20.13 -16.72
N GLY B 195 -20.86 19.62 -15.53
CA GLY B 195 -19.51 19.48 -15.08
C GLY B 195 -19.02 18.05 -15.10
N ASP B 196 -17.90 17.82 -14.42
CA ASP B 196 -17.31 16.49 -14.35
C ASP B 196 -18.24 15.52 -13.64
N VAL B 197 -18.34 14.31 -14.18
CA VAL B 197 -19.09 13.24 -13.52
C VAL B 197 -18.07 12.38 -12.76
N MET B 198 -18.21 12.35 -11.43
CA MET B 198 -17.21 11.73 -10.57
C MET B 198 -17.71 10.52 -9.80
N SER B 199 -18.96 10.11 -9.96
CA SER B 199 -19.51 8.98 -9.21
C SER B 199 -20.46 8.19 -10.09
N LEU B 200 -20.66 6.92 -9.72
CA LEU B 200 -21.52 6.02 -10.47
C LEU B 200 -21.96 4.89 -9.56
N SER B 201 -23.18 4.39 -9.79
CA SER B 201 -23.68 3.24 -9.06
C SER B 201 -24.73 2.56 -9.91
N LEU B 202 -24.76 1.22 -9.85
CA LEU B 202 -25.64 0.42 -10.68
C LEU B 202 -26.72 -0.24 -9.83
N ALA B 203 -27.92 -0.35 -10.39
CA ALA B 203 -29.05 -0.93 -9.67
C ALA B 203 -28.81 -2.41 -9.42
N PRO B 204 -29.50 -2.99 -8.43
CA PRO B 204 -29.33 -4.42 -8.16
C PRO B 204 -29.66 -5.32 -9.35
N ASP B 205 -30.65 -4.94 -10.16
CA ASP B 205 -31.01 -5.69 -11.35
C ASP B 205 -30.22 -5.26 -12.58
N THR B 206 -29.31 -4.29 -12.44
CA THR B 206 -28.40 -3.86 -13.50
C THR B 206 -29.15 -3.45 -14.77
N ARG B 207 -30.23 -2.70 -14.61
CA ARG B 207 -30.93 -2.09 -15.73
C ARG B 207 -31.00 -0.57 -15.62
N LEU B 208 -30.69 0.00 -14.46
CA LEU B 208 -30.64 1.44 -14.26
C LEU B 208 -29.37 1.78 -13.50
N PHE B 209 -28.92 3.03 -13.65
CA PHE B 209 -27.77 3.51 -12.90
C PHE B 209 -27.88 5.01 -12.72
N VAL B 210 -27.18 5.52 -11.71
CA VAL B 210 -27.18 6.93 -11.37
C VAL B 210 -25.75 7.45 -11.34
N SER B 211 -25.61 8.75 -11.57
CA SER B 211 -24.30 9.39 -11.58
C SER B 211 -24.40 10.73 -10.87
N GLY B 212 -23.27 11.17 -10.32
CA GLY B 212 -23.21 12.45 -9.63
C GLY B 212 -22.21 13.40 -10.25
N ALA B 213 -22.70 14.50 -10.80
CA ALA B 213 -21.84 15.46 -11.48
C ALA B 213 -21.38 16.54 -10.51
N CYS B 214 -20.49 17.42 -11.00
CA CYS B 214 -19.93 18.49 -10.18
C CYS B 214 -20.72 19.78 -10.24
N ASP B 215 -21.84 19.81 -10.98
CA ASP B 215 -22.73 20.97 -11.00
C ASP B 215 -23.83 20.86 -9.95
N ALA B 216 -23.60 20.07 -8.90
CA ALA B 216 -24.55 19.90 -7.80
C ALA B 216 -25.90 19.38 -8.31
N SER B 217 -25.86 18.18 -8.90
CA SER B 217 -27.07 17.49 -9.33
C SER B 217 -26.75 16.01 -9.48
N ALA B 218 -27.81 15.21 -9.58
CA ALA B 218 -27.71 13.78 -9.81
C ALA B 218 -28.87 13.33 -10.69
N LYS B 219 -28.59 12.42 -11.61
CA LYS B 219 -29.57 11.98 -12.60
C LYS B 219 -29.76 10.48 -12.53
N LEU B 220 -30.86 10.02 -13.11
CA LEU B 220 -31.23 8.61 -13.15
C LEU B 220 -31.33 8.18 -14.61
N TRP B 221 -30.32 7.46 -15.11
CA TRP B 221 -30.30 6.99 -16.48
C TRP B 221 -30.93 5.60 -16.57
N ASP B 222 -31.03 5.09 -17.80
CA ASP B 222 -31.40 3.70 -18.03
C ASP B 222 -30.54 3.16 -19.17
N VAL B 223 -30.05 1.94 -18.99
CA VAL B 223 -29.08 1.37 -19.93
C VAL B 223 -29.70 1.04 -21.28
N ARG B 224 -30.90 0.47 -21.31
CA ARG B 224 -31.47 -0.04 -22.56
C ARG B 224 -31.75 1.07 -23.55
N GLU B 225 -32.30 2.21 -23.10
CA GLU B 225 -32.74 3.26 -24.00
C GLU B 225 -31.75 4.40 -24.18
N GLY B 226 -30.77 4.53 -23.29
CA GLY B 226 -29.82 5.63 -23.39
C GLY B 226 -30.43 7.01 -23.20
N MET B 227 -31.30 7.16 -22.20
CA MET B 227 -31.95 8.43 -21.93
C MET B 227 -31.95 8.70 -20.43
N CYS B 228 -32.35 9.91 -20.07
CA CYS B 228 -32.49 10.29 -18.67
C CYS B 228 -33.96 10.30 -18.28
N ARG B 229 -34.22 10.03 -17.00
CA ARG B 229 -35.58 9.94 -16.49
C ARG B 229 -35.91 10.98 -15.44
N GLN B 230 -35.01 11.22 -14.48
CA GLN B 230 -35.27 12.20 -13.42
C GLN B 230 -33.95 12.79 -12.96
N THR B 231 -34.04 13.98 -12.38
CA THR B 231 -32.89 14.66 -11.80
C THR B 231 -33.25 15.18 -10.42
N PHE B 232 -32.31 15.01 -9.48
CA PHE B 232 -32.51 15.42 -8.09
C PHE B 232 -31.51 16.52 -7.77
N THR B 233 -32.02 17.70 -7.44
CA THR B 233 -31.20 18.87 -7.12
C THR B 233 -31.54 19.33 -5.71
N GLY B 234 -30.70 18.96 -4.74
CA GLY B 234 -30.93 19.36 -3.36
C GLY B 234 -29.67 19.66 -2.58
N HIS B 235 -28.53 19.72 -3.25
CA HIS B 235 -27.25 19.89 -2.58
C HIS B 235 -26.78 21.33 -2.69
N GLU B 236 -25.59 21.58 -2.13
CA GLU B 236 -24.99 22.91 -2.14
C GLU B 236 -23.61 22.96 -2.78
N SER B 237 -22.99 21.82 -3.05
CA SER B 237 -21.64 21.79 -3.59
C SER B 237 -21.51 20.56 -4.49
N ASP B 238 -20.28 20.19 -4.82
CA ASP B 238 -20.04 19.05 -5.68
C ASP B 238 -20.42 17.75 -4.97
N ILE B 239 -20.60 16.70 -5.77
CA ILE B 239 -20.99 15.39 -5.28
C ILE B 239 -19.87 14.41 -5.61
N ASN B 240 -19.36 13.72 -4.58
CA ASN B 240 -18.22 12.83 -4.74
C ASN B 240 -18.50 11.37 -4.48
N ALA B 241 -19.72 11.01 -4.06
CA ALA B 241 -20.03 9.62 -3.77
C ALA B 241 -21.52 9.37 -3.94
N ILE B 242 -21.88 8.11 -4.14
CA ILE B 242 -23.27 7.71 -4.32
C ILE B 242 -23.36 6.21 -4.08
N CYS B 243 -24.53 5.76 -3.62
CA CYS B 243 -24.76 4.35 -3.36
C CYS B 243 -26.26 4.09 -3.38
N PHE B 244 -26.63 2.82 -3.49
CA PHE B 244 -28.01 2.40 -3.65
C PHE B 244 -28.50 1.68 -2.40
N PHE B 245 -29.77 1.91 -2.05
CA PHE B 245 -30.42 1.15 -0.99
C PHE B 245 -30.53 -0.30 -1.43
N PRO B 246 -30.42 -1.25 -0.49
CA PRO B 246 -30.46 -2.68 -0.89
C PRO B 246 -31.73 -3.07 -1.63
N ASN B 247 -32.86 -2.47 -1.31
CA ASN B 247 -34.09 -2.74 -2.04
C ASN B 247 -34.08 -2.14 -3.44
N GLY B 248 -33.11 -1.27 -3.75
CA GLY B 248 -33.07 -0.64 -5.04
C GLY B 248 -34.13 0.42 -5.26
N ASN B 249 -34.67 0.98 -4.19
CA ASN B 249 -35.72 1.98 -4.27
C ASN B 249 -35.28 3.36 -3.83
N ALA B 250 -34.06 3.50 -3.32
CA ALA B 250 -33.56 4.79 -2.86
C ALA B 250 -32.04 4.81 -3.01
N PHE B 251 -31.48 6.01 -3.03
CA PHE B 251 -30.04 6.17 -3.09
C PHE B 251 -29.63 7.36 -2.24
N ALA B 252 -28.47 7.24 -1.59
CA ALA B 252 -27.96 8.26 -0.68
C ALA B 252 -26.68 8.85 -1.24
N THR B 253 -26.62 10.17 -1.30
CA THR B 253 -25.48 10.90 -1.85
C THR B 253 -24.64 11.52 -0.74
N GLY B 254 -23.36 11.75 -1.06
CA GLY B 254 -22.47 12.42 -0.12
C GLY B 254 -21.67 13.50 -0.81
N SER B 255 -21.82 14.74 -0.35
CA SER B 255 -21.26 15.90 -1.04
C SER B 255 -20.06 16.45 -0.27
N ASP B 256 -19.52 17.56 -0.75
CA ASP B 256 -18.43 18.26 -0.10
C ASP B 256 -18.91 19.30 0.89
N ASP B 257 -20.22 19.50 1.02
CA ASP B 257 -20.80 20.41 2.00
C ASP B 257 -20.96 19.77 3.37
N ALA B 258 -20.25 18.67 3.62
CA ALA B 258 -20.27 17.97 4.91
C ALA B 258 -21.64 17.44 5.28
N THR B 259 -22.48 17.15 4.27
CA THR B 259 -23.80 16.59 4.48
C THR B 259 -24.03 15.41 3.55
N CYS B 260 -24.66 14.37 4.08
CA CYS B 260 -25.16 13.25 3.29
C CYS B 260 -26.69 13.28 3.32
N ARG B 261 -27.31 12.97 2.19
CA ARG B 261 -28.76 13.05 2.06
C ARG B 261 -29.30 11.72 1.57
N LEU B 262 -30.61 11.55 1.71
CA LEU B 262 -31.31 10.34 1.28
C LEU B 262 -32.42 10.75 0.32
N PHE B 263 -32.39 10.21 -0.89
CA PHE B 263 -33.37 10.53 -1.92
C PHE B 263 -34.22 9.30 -2.22
N ASP B 264 -35.50 9.52 -2.48
CA ASP B 264 -36.42 8.44 -2.81
C ASP B 264 -36.76 8.50 -4.29
N LEU B 265 -36.61 7.35 -4.96
CA LEU B 265 -36.82 7.31 -6.41
C LEU B 265 -38.28 7.58 -6.78
N ARG B 266 -39.22 6.94 -6.07
CA ARG B 266 -40.62 7.11 -6.40
C ARG B 266 -41.17 8.44 -5.91
N ALA B 267 -40.71 8.91 -4.75
CA ALA B 267 -41.20 10.18 -4.21
C ALA B 267 -40.64 11.39 -4.93
N ASP B 268 -39.54 11.22 -5.68
CA ASP B 268 -38.95 12.29 -6.49
C ASP B 268 -38.51 13.47 -5.62
N GLN B 269 -38.07 13.18 -4.40
CA GLN B 269 -37.66 14.23 -3.48
C GLN B 269 -36.77 13.63 -2.40
N GLU B 270 -36.04 14.50 -1.70
CA GLU B 270 -35.22 14.08 -0.59
C GLU B 270 -36.09 13.71 0.61
N LEU B 271 -35.56 12.85 1.47
CA LEU B 271 -36.29 12.36 2.63
C LEU B 271 -35.66 12.77 3.94
N MET B 272 -34.35 12.56 4.10
CA MET B 272 -33.68 12.91 5.35
C MET B 272 -32.28 13.42 5.02
N THR B 273 -31.75 14.24 5.94
CA THR B 273 -30.43 14.84 5.79
C THR B 273 -29.60 14.49 7.01
N TYR B 274 -28.41 13.95 6.79
CA TYR B 274 -27.51 13.52 7.85
C TYR B 274 -26.38 14.54 7.96
N SER B 275 -26.39 15.33 9.02
CA SER B 275 -25.37 16.35 9.24
C SER B 275 -25.36 16.74 10.71
N HIS B 276 -24.35 17.52 11.08
CA HIS B 276 -24.21 18.01 12.45
C HIS B 276 -23.38 19.28 12.42
N ASP B 277 -23.44 20.03 13.52
CA ASP B 277 -22.74 21.32 13.58
C ASP B 277 -21.23 21.15 13.56
N ASN B 278 -20.72 20.12 14.22
CA ASN B 278 -19.27 19.97 14.37
C ASN B 278 -18.63 19.61 13.03
N ILE B 279 -19.26 18.77 12.22
CA ILE B 279 -18.64 18.26 11.01
C ILE B 279 -18.46 19.38 10.00
N ILE B 280 -17.23 19.53 9.51
CA ILE B 280 -16.89 20.56 8.54
C ILE B 280 -16.36 19.96 7.24
N CYS B 281 -15.48 18.97 7.34
CA CYS B 281 -14.89 18.37 6.15
C CYS B 281 -15.93 17.62 5.33
N GLY B 282 -15.67 17.51 4.02
CA GLY B 282 -16.59 16.86 3.12
C GLY B 282 -16.51 15.34 3.18
N ILE B 283 -17.46 14.71 2.48
CA ILE B 283 -17.60 13.26 2.47
C ILE B 283 -16.99 12.73 1.18
N THR B 284 -16.15 11.69 1.29
CA THR B 284 -15.49 11.10 0.14
C THR B 284 -16.08 9.77 -0.30
N SER B 285 -16.80 9.08 0.58
CA SER B 285 -17.39 7.79 0.24
C SER B 285 -18.66 7.57 1.05
N VAL B 286 -19.52 6.70 0.55
CA VAL B 286 -20.76 6.35 1.23
C VAL B 286 -21.08 4.89 0.93
N SER B 287 -21.65 4.20 1.92
CA SER B 287 -22.03 2.81 1.77
C SER B 287 -23.16 2.49 2.75
N PHE B 288 -24.02 1.56 2.35
CA PHE B 288 -25.17 1.16 3.15
C PHE B 288 -24.87 -0.15 3.88
N SER B 289 -25.88 -0.63 4.61
CA SER B 289 -25.81 -1.91 5.29
C SER B 289 -26.69 -2.93 4.55
N LYS B 290 -26.40 -4.21 4.76
CA LYS B 290 -27.05 -5.25 3.96
C LYS B 290 -28.54 -5.32 4.26
N SER B 291 -28.93 -5.08 5.51
CA SER B 291 -30.34 -4.96 5.85
C SER B 291 -30.87 -3.54 5.77
N GLY B 292 -30.00 -2.56 5.51
CA GLY B 292 -30.41 -1.19 5.25
C GLY B 292 -30.64 -0.32 6.47
N ARG B 293 -30.23 -0.75 7.66
CA ARG B 293 -30.46 0.07 8.84
C ARG B 293 -29.31 1.06 9.08
N LEU B 294 -28.07 0.65 8.83
CA LEU B 294 -26.92 1.50 9.04
C LEU B 294 -26.57 2.24 7.76
N LEU B 295 -25.74 3.27 7.90
CA LEU B 295 -25.21 4.03 6.76
C LEU B 295 -23.84 4.57 7.16
N LEU B 296 -22.79 3.93 6.66
CA LEU B 296 -21.42 4.33 6.97
C LEU B 296 -20.92 5.32 5.93
N ALA B 297 -20.21 6.34 6.40
CA ALA B 297 -19.68 7.39 5.53
C ALA B 297 -18.23 7.66 5.88
N GLY B 298 -17.46 8.01 4.86
CA GLY B 298 -16.05 8.34 5.03
C GLY B 298 -15.83 9.84 4.96
N TYR B 299 -15.03 10.34 5.89
CA TYR B 299 -14.82 11.77 6.05
C TYR B 299 -13.36 12.13 5.82
N ASP B 300 -13.14 13.39 5.41
CA ASP B 300 -11.79 13.91 5.28
C ASP B 300 -11.14 14.18 6.64
N ASP B 301 -11.90 14.10 7.73
CA ASP B 301 -11.38 14.29 9.07
C ASP B 301 -10.78 13.00 9.66
N PHE B 302 -10.41 12.05 8.81
CA PHE B 302 -9.74 10.81 9.15
C PHE B 302 -10.63 9.83 9.90
N ASN B 303 -11.94 10.08 9.97
CA ASN B 303 -12.86 9.26 10.73
C ASN B 303 -13.98 8.75 9.83
N CYS B 304 -14.68 7.74 10.32
CA CYS B 304 -15.87 7.20 9.67
C CYS B 304 -17.00 7.17 10.68
N ASN B 305 -18.11 7.83 10.34
CA ASN B 305 -19.25 7.94 11.24
C ASN B 305 -20.34 6.98 10.80
N VAL B 306 -20.79 6.13 11.73
CA VAL B 306 -21.87 5.19 11.47
C VAL B 306 -23.18 5.84 11.86
N TRP B 307 -24.07 6.01 10.91
CA TRP B 307 -25.33 6.70 11.13
C TRP B 307 -26.49 5.73 11.22
N ASP B 308 -27.50 6.12 11.99
CA ASP B 308 -28.76 5.37 12.07
C ASP B 308 -29.67 5.91 10.98
N ALA B 309 -29.83 5.15 9.90
CA ALA B 309 -30.49 5.67 8.71
C ALA B 309 -31.93 6.08 8.97
N LEU B 310 -32.60 5.44 9.94
CA LEU B 310 -34.00 5.71 10.18
C LEU B 310 -34.24 6.81 11.22
N LYS B 311 -33.19 7.36 11.82
CA LYS B 311 -33.36 8.38 12.84
C LYS B 311 -32.42 9.58 12.69
N ALA B 312 -31.55 9.57 11.68
CA ALA B 312 -30.64 10.69 11.40
C ALA B 312 -29.79 11.04 12.62
N ASP B 313 -29.27 10.01 13.30
CA ASP B 313 -28.43 10.20 14.46
C ASP B 313 -27.22 9.28 14.37
N ARG B 314 -26.15 9.68 15.03
CA ARG B 314 -24.92 8.91 15.03
C ARG B 314 -25.06 7.68 15.93
N ALA B 315 -24.21 6.68 15.67
CA ALA B 315 -24.20 5.47 16.48
C ALA B 315 -22.79 4.98 16.78
N GLY B 316 -21.75 5.68 16.37
CA GLY B 316 -20.39 5.26 16.65
C GLY B 316 -19.43 5.87 15.66
N VAL B 317 -18.14 5.64 15.93
CA VAL B 317 -17.06 6.13 15.07
C VAL B 317 -16.10 4.98 14.81
N LEU B 318 -15.29 5.14 13.76
CA LEU B 318 -14.27 4.17 13.36
C LEU B 318 -12.94 4.91 13.25
N ALA B 319 -12.24 5.03 14.38
CA ALA B 319 -10.95 5.70 14.41
C ALA B 319 -9.83 4.68 14.19
N GLY B 320 -8.69 5.19 13.72
CA GLY B 320 -7.54 4.34 13.48
C GLY B 320 -6.82 4.62 12.17
N HIS B 321 -7.28 5.64 11.45
CA HIS B 321 -6.67 6.04 10.18
C HIS B 321 -5.92 7.35 10.36
N ASP B 322 -4.72 7.41 9.78
CA ASP B 322 -3.83 8.55 9.95
C ASP B 322 -3.96 9.58 8.83
N ASN B 323 -4.85 9.36 7.87
CA ASN B 323 -5.02 10.30 6.77
C ASN B 323 -6.44 10.20 6.24
N ARG B 324 -6.71 10.89 5.14
CA ARG B 324 -8.07 10.98 4.62
C ARG B 324 -8.54 9.62 4.12
N VAL B 325 -9.81 9.30 4.42
CA VAL B 325 -10.41 8.04 3.99
C VAL B 325 -10.88 8.19 2.55
N SER B 326 -10.43 7.29 1.69
CA SER B 326 -10.68 7.38 0.26
C SER B 326 -11.75 6.42 -0.24
N CYS B 327 -11.94 5.28 0.41
CA CYS B 327 -12.87 4.27 -0.08
C CYS B 327 -13.37 3.41 1.07
N LEU B 328 -14.60 2.93 0.93
CA LEU B 328 -15.22 2.05 1.91
C LEU B 328 -16.19 1.13 1.19
N GLY B 329 -16.36 -0.07 1.74
CA GLY B 329 -17.23 -1.06 1.13
C GLY B 329 -17.63 -2.13 2.11
N VAL B 330 -18.80 -2.74 1.86
CA VAL B 330 -19.34 -3.80 2.69
C VAL B 330 -19.55 -5.02 1.82
N THR B 331 -19.25 -6.21 2.35
CA THR B 331 -19.36 -7.45 1.58
C THR B 331 -20.80 -7.74 1.19
N ASP B 332 -20.99 -8.79 0.40
CA ASP B 332 -22.34 -9.11 -0.09
C ASP B 332 -23.20 -9.74 1.00
N ASP B 333 -22.59 -10.46 1.94
CA ASP B 333 -23.32 -11.04 3.06
C ASP B 333 -23.37 -10.14 4.28
N GLY B 334 -22.72 -8.99 4.23
CA GLY B 334 -22.74 -8.05 5.34
C GLY B 334 -21.91 -8.45 6.54
N MET B 335 -20.94 -9.34 6.38
CA MET B 335 -20.16 -9.84 7.51
C MET B 335 -18.94 -8.99 7.83
N ALA B 336 -18.58 -8.03 6.98
CA ALA B 336 -17.38 -7.24 7.22
C ALA B 336 -17.49 -5.92 6.46
N VAL B 337 -16.61 -4.99 6.84
CA VAL B 337 -16.50 -3.68 6.18
C VAL B 337 -15.02 -3.32 6.12
N ALA B 338 -14.57 -2.83 4.96
CA ALA B 338 -13.17 -2.49 4.74
C ALA B 338 -13.05 -1.05 4.29
N THR B 339 -11.99 -0.38 4.74
CA THR B 339 -11.73 1.01 4.41
C THR B 339 -10.30 1.18 3.95
N GLY B 340 -10.07 2.20 3.11
CA GLY B 340 -8.74 2.53 2.66
C GLY B 340 -8.49 4.01 2.84
N SER B 341 -7.21 4.37 2.84
CA SER B 341 -6.82 5.74 3.14
C SER B 341 -5.55 6.09 2.37
N TRP B 342 -5.15 7.36 2.48
CA TRP B 342 -4.00 7.87 1.76
C TRP B 342 -2.67 7.44 2.37
N ASP B 343 -2.69 6.78 3.52
CA ASP B 343 -1.46 6.32 4.16
C ASP B 343 -1.05 4.92 3.71
N SER B 344 -1.68 4.39 2.66
CA SER B 344 -1.36 3.07 2.12
C SER B 344 -1.63 1.97 3.15
N PHE B 345 -2.83 1.98 3.72
CA PHE B 345 -3.25 1.00 4.71
C PHE B 345 -4.71 0.65 4.50
N LEU B 346 -5.05 -0.62 4.69
CA LEU B 346 -6.41 -1.10 4.61
C LEU B 346 -6.73 -1.90 5.85
N LYS B 347 -7.90 -1.66 6.44
CA LYS B 347 -8.31 -2.29 7.69
C LYS B 347 -9.64 -3.01 7.50
N ILE B 348 -9.77 -4.15 8.16
CA ILE B 348 -10.99 -4.95 8.12
C ILE B 348 -11.66 -4.87 9.49
N TRP B 349 -12.83 -4.27 9.54
CA TRP B 349 -13.60 -4.17 10.77
C TRP B 349 -14.58 -5.33 10.89
N ASN B 350 -15.17 -5.47 12.07
CA ASN B 350 -16.15 -6.52 12.33
C ASN B 350 -16.91 -6.26 13.62
N ALA C 7 -29.37 27.93 -34.57
CA ALA C 7 -28.21 27.74 -33.70
C ALA C 7 -28.64 27.28 -32.32
N SER C 8 -28.76 28.24 -31.39
CA SER C 8 -29.20 27.92 -30.03
C SER C 8 -30.67 27.52 -29.97
N ILE C 9 -31.42 27.70 -31.06
CA ILE C 9 -32.82 27.29 -31.06
C ILE C 9 -32.93 25.78 -30.86
N ALA C 10 -32.05 25.01 -31.50
CA ALA C 10 -32.06 23.57 -31.32
C ALA C 10 -31.73 23.19 -29.88
N GLN C 11 -30.77 23.89 -29.27
CA GLN C 11 -30.42 23.61 -27.87
C GLN C 11 -31.60 23.89 -26.95
N ALA C 12 -32.28 25.03 -27.16
CA ALA C 12 -33.44 25.37 -26.33
C ALA C 12 -34.57 24.38 -26.54
N ARG C 13 -34.79 23.95 -27.78
CA ARG C 13 -35.82 22.96 -28.06
C ARG C 13 -35.50 21.64 -27.37
N LYS C 14 -34.24 21.22 -27.41
CA LYS C 14 -33.85 19.98 -26.71
C LYS C 14 -34.06 20.13 -25.21
N LEU C 15 -33.73 21.29 -24.65
CA LEU C 15 -33.90 21.49 -23.21
C LEU C 15 -35.37 21.42 -22.82
N VAL C 16 -36.24 22.10 -23.57
CA VAL C 16 -37.66 22.09 -23.22
C VAL C 16 -38.25 20.70 -23.45
N GLU C 17 -37.78 19.98 -24.47
CA GLU C 17 -38.25 18.61 -24.67
C GLU C 17 -37.83 17.71 -23.50
N GLN C 18 -36.60 17.87 -23.02
CA GLN C 18 -36.15 17.09 -21.87
C GLN C 18 -36.98 17.42 -20.63
N LEU C 19 -37.28 18.70 -20.42
CA LEU C 19 -38.12 19.09 -19.29
C LEU C 19 -39.52 18.50 -19.42
N LYS C 20 -40.07 18.49 -20.64
CA LYS C 20 -41.39 17.90 -20.86
C LYS C 20 -41.37 16.40 -20.54
N MET C 21 -40.35 15.69 -21.00
CA MET C 21 -40.25 14.27 -20.75
C MET C 21 -40.08 13.97 -19.27
N GLU C 22 -39.28 14.79 -18.58
CA GLU C 22 -39.03 14.56 -17.15
C GLU C 22 -40.26 14.89 -16.31
N ALA C 23 -41.01 15.92 -16.69
CA ALA C 23 -42.14 16.36 -15.89
C ALA C 23 -43.30 15.37 -15.89
N ASN C 24 -43.33 14.44 -16.84
CA ASN C 24 -44.43 13.48 -16.93
C ASN C 24 -44.04 12.16 -16.28
N ILE C 25 -44.06 12.17 -14.95
CA ILE C 25 -43.77 10.99 -14.14
C ILE C 25 -44.72 10.98 -12.95
N ASP C 26 -45.33 9.83 -12.69
CA ASP C 26 -46.22 9.69 -11.54
C ASP C 26 -45.42 9.60 -10.25
N ARG C 27 -46.19 9.85 -9.18
CA ARG C 27 -45.54 9.98 -7.88
C ARG C 27 -46.38 9.33 -6.80
N ILE C 28 -45.70 8.85 -5.78
CA ILE C 28 -46.43 8.22 -4.70
C ILE C 28 -46.26 9.07 -3.43
N LYS C 29 -47.03 8.73 -2.41
CA LYS C 29 -46.99 9.45 -1.15
C LYS C 29 -45.66 9.21 -0.44
N VAL C 30 -45.18 10.25 0.25
CA VAL C 30 -43.94 10.14 1.01
C VAL C 30 -44.10 9.13 2.15
N SER C 31 -45.26 9.16 2.82
CA SER C 31 -45.48 8.26 3.95
C SER C 31 -45.46 6.80 3.52
N LYS C 32 -46.04 6.50 2.36
CA LYS C 32 -46.02 5.13 1.84
C LYS C 32 -44.59 4.69 1.56
N ALA C 33 -43.77 5.57 0.99
CA ALA C 33 -42.37 5.24 0.75
C ALA C 33 -41.65 4.96 2.04
N ALA C 34 -41.88 5.78 3.07
CA ALA C 34 -41.25 5.54 4.37
C ALA C 34 -41.72 4.22 4.97
N ALA C 35 -43.01 3.89 4.77
CA ALA C 35 -43.55 2.63 5.27
C ALA C 35 -42.85 1.45 4.64
N ASP C 36 -42.67 1.49 3.31
CA ASP C 36 -41.93 0.42 2.64
C ASP C 36 -40.49 0.36 3.14
N LEU C 37 -39.86 1.51 3.33
CA LEU C 37 -38.47 1.53 3.77
C LEU C 37 -38.32 0.83 5.11
N MET C 38 -39.08 1.30 6.12
CA MET C 38 -38.91 0.70 7.45
C MET C 38 -39.38 -0.75 7.46
N ALA C 39 -40.38 -1.09 6.64
CA ALA C 39 -40.78 -2.49 6.55
C ALA C 39 -39.62 -3.37 6.07
N TYR C 40 -38.89 -2.89 5.06
CA TYR C 40 -37.72 -3.64 4.61
C TYR C 40 -36.67 -3.72 5.71
N CYS C 41 -36.44 -2.62 6.44
CA CYS C 41 -35.41 -2.66 7.47
C CYS C 41 -35.79 -3.57 8.64
N GLU C 42 -37.08 -3.70 8.95
CA GLU C 42 -37.44 -4.54 10.10
C GLU C 42 -37.61 -6.00 9.70
N ALA C 43 -38.01 -6.27 8.45
CA ALA C 43 -38.21 -7.65 8.03
C ALA C 43 -36.90 -8.41 7.94
N HIS C 44 -35.78 -7.70 7.73
CA HIS C 44 -34.47 -8.32 7.57
C HIS C 44 -33.56 -8.03 8.74
N ALA C 45 -34.09 -7.55 9.86
CA ALA C 45 -33.25 -7.11 10.97
C ALA C 45 -32.57 -8.28 11.67
N LYS C 46 -33.25 -9.43 11.75
CA LYS C 46 -32.74 -10.55 12.53
C LYS C 46 -31.54 -11.24 11.90
N GLU C 47 -31.19 -10.92 10.66
CA GLU C 47 -30.11 -11.60 9.96
C GLU C 47 -28.91 -10.70 9.66
N ASP C 48 -28.98 -9.42 9.98
CA ASP C 48 -27.84 -8.53 9.74
C ASP C 48 -26.73 -8.84 10.74
N PRO C 49 -25.52 -9.15 10.29
CA PRO C 49 -24.42 -9.47 11.20
C PRO C 49 -23.67 -8.26 11.74
N LEU C 50 -24.19 -7.04 11.57
CA LEU C 50 -23.50 -5.83 12.02
C LEU C 50 -24.20 -5.13 13.18
N LEU C 51 -25.51 -4.98 13.13
CA LEU C 51 -26.25 -4.41 14.24
C LEU C 51 -26.55 -5.42 15.34
N THR C 52 -26.41 -6.72 15.05
CA THR C 52 -26.48 -7.76 16.07
C THR C 52 -25.16 -8.53 16.07
N PRO C 53 -24.33 -8.39 17.11
CA PRO C 53 -23.03 -9.06 17.09
C PRO C 53 -23.14 -10.58 17.08
N VAL C 54 -22.74 -11.19 15.98
CA VAL C 54 -22.72 -12.65 15.87
C VAL C 54 -21.67 -13.22 16.82
N PRO C 55 -21.96 -14.31 17.53
CA PRO C 55 -20.96 -14.86 18.47
C PRO C 55 -19.66 -15.23 17.76
N ALA C 56 -18.56 -15.11 18.50
CA ALA C 56 -17.23 -15.32 17.93
C ALA C 56 -17.02 -16.75 17.43
N SER C 57 -17.86 -17.69 17.87
CA SER C 57 -17.75 -19.06 17.34
C SER C 57 -18.10 -19.10 15.86
N GLU C 58 -18.97 -18.19 15.41
CA GLU C 58 -19.40 -18.11 14.02
C GLU C 58 -18.74 -16.96 13.27
N ASN C 59 -17.56 -16.53 13.71
CA ASN C 59 -16.86 -15.41 13.09
C ASN C 59 -15.70 -15.91 12.23
N PRO C 60 -15.77 -15.78 10.91
CA PRO C 60 -14.62 -16.15 10.08
C PRO C 60 -13.40 -15.29 10.31
N PHE C 61 -13.56 -14.11 10.93
CA PHE C 61 -12.46 -13.19 11.15
C PHE C 61 -11.88 -13.28 12.56
N ARG C 62 -12.23 -14.32 13.31
CA ARG C 62 -11.73 -14.49 14.67
C ARG C 62 -10.21 -14.66 14.68
N ASP D 1 0.06 -23.18 -28.28
CA ASP D 1 -0.23 -24.52 -27.78
C ASP D 1 0.81 -24.96 -26.75
N VAL D 2 0.34 -25.28 -25.54
CA VAL D 2 1.23 -25.70 -24.48
C VAL D 2 1.83 -27.06 -24.83
N GLN D 3 3.15 -27.19 -24.65
CA GLN D 3 3.86 -28.42 -24.96
C GLN D 3 4.84 -28.75 -23.84
N LEU D 4 5.07 -30.05 -23.65
CA LEU D 4 6.03 -30.53 -22.65
C LEU D 4 6.67 -31.78 -23.22
N VAL D 5 7.88 -31.64 -23.75
CA VAL D 5 8.59 -32.72 -24.44
C VAL D 5 9.70 -33.24 -23.54
N GLU D 6 9.74 -34.55 -23.35
CA GLU D 6 10.78 -35.20 -22.56
C GLU D 6 11.50 -36.24 -23.41
N SER D 7 12.79 -36.40 -23.17
CA SER D 7 13.59 -37.37 -23.88
C SER D 7 14.85 -37.67 -23.09
N GLY D 8 15.50 -38.77 -23.42
CA GLY D 8 16.75 -39.13 -22.78
C GLY D 8 16.79 -40.55 -22.24
N GLY D 9 15.77 -41.35 -22.56
CA GLY D 9 15.70 -42.70 -22.05
C GLY D 9 16.28 -43.73 -23.01
N GLY D 10 16.69 -44.86 -22.45
CA GLY D 10 17.26 -45.92 -23.25
C GLY D 10 17.69 -47.08 -22.38
N LEU D 11 18.17 -48.12 -23.05
CA LEU D 11 18.59 -49.34 -22.36
C LEU D 11 19.86 -49.08 -21.56
N VAL D 12 19.84 -49.44 -20.27
CA VAL D 12 20.96 -49.24 -19.36
C VAL D 12 21.20 -50.54 -18.59
N GLN D 13 22.47 -50.87 -18.37
CA GLN D 13 22.82 -52.01 -17.53
C GLN D 13 22.59 -51.65 -16.06
N PRO D 14 22.37 -52.67 -15.21
CA PRO D 14 22.20 -52.39 -13.78
C PRO D 14 23.44 -51.76 -13.18
N GLY D 15 23.24 -50.84 -12.24
CA GLY D 15 24.32 -50.13 -11.62
C GLY D 15 24.77 -48.87 -12.35
N GLY D 16 24.17 -48.57 -13.50
CA GLY D 16 24.53 -47.40 -14.27
C GLY D 16 23.77 -46.16 -13.83
N SER D 17 23.71 -45.19 -14.75
CA SER D 17 23.03 -43.92 -14.48
C SER D 17 22.52 -43.35 -15.80
N ARG D 18 21.64 -42.36 -15.68
CA ARG D 18 21.04 -41.73 -16.84
C ARG D 18 20.53 -40.36 -16.43
N LYS D 19 20.39 -39.48 -17.43
CA LYS D 19 19.90 -38.12 -17.22
C LYS D 19 18.65 -37.91 -18.06
N LEU D 20 17.63 -37.30 -17.45
CA LEU D 20 16.36 -37.04 -18.13
C LEU D 20 16.11 -35.55 -18.19
N SER D 21 15.45 -35.11 -19.26
CA SER D 21 15.18 -33.71 -19.48
C SER D 21 13.71 -33.53 -19.87
N CYS D 22 13.19 -32.33 -19.60
CA CYS D 22 11.79 -32.01 -19.87
C CYS D 22 11.75 -30.57 -20.40
N SER D 23 11.75 -30.42 -21.73
CA SER D 23 11.72 -29.11 -22.35
C SER D 23 10.29 -28.59 -22.41
N ALA D 24 10.10 -27.34 -21.98
CA ALA D 24 8.78 -26.75 -21.88
C ALA D 24 8.71 -25.44 -22.65
N SER D 25 7.55 -25.18 -23.24
CA SER D 25 7.34 -23.97 -24.01
C SER D 25 5.85 -23.64 -24.03
N GLY D 26 5.54 -22.40 -24.37
CA GLY D 26 4.17 -21.94 -24.49
C GLY D 26 3.54 -21.44 -23.22
N PHE D 27 4.27 -21.40 -22.11
CA PHE D 27 3.71 -20.89 -20.86
C PHE D 27 4.84 -20.38 -19.98
N ALA D 28 4.46 -19.62 -18.95
CA ALA D 28 5.41 -19.03 -18.01
C ALA D 28 6.01 -20.11 -17.11
N PHE D 29 7.16 -20.65 -17.49
CA PHE D 29 7.76 -21.76 -16.77
C PHE D 29 8.23 -21.39 -15.38
N SER D 30 8.47 -20.10 -15.11
CA SER D 30 9.10 -19.70 -13.86
C SER D 30 8.13 -19.57 -12.69
N SER D 31 6.82 -19.73 -12.93
CA SER D 31 5.82 -19.61 -11.88
C SER D 31 5.01 -20.89 -11.70
N PHE D 32 5.63 -22.04 -11.93
CA PHE D 32 4.96 -23.32 -11.83
C PHE D 32 5.81 -24.30 -11.04
N GLY D 33 5.15 -25.29 -10.46
CA GLY D 33 5.82 -26.41 -9.81
C GLY D 33 5.77 -27.63 -10.71
N MET D 34 6.85 -28.41 -10.69
CA MET D 34 6.99 -29.56 -11.57
C MET D 34 7.03 -30.85 -10.75
N HIS D 35 6.45 -31.91 -11.32
CA HIS D 35 6.38 -33.21 -10.68
C HIS D 35 7.07 -34.25 -11.56
N TRP D 36 6.98 -35.51 -11.15
CA TRP D 36 7.47 -36.63 -11.93
C TRP D 36 6.65 -37.86 -11.56
N VAL D 37 5.97 -38.44 -12.53
CA VAL D 37 5.10 -39.59 -12.29
C VAL D 37 5.50 -40.70 -13.24
N ARG D 38 5.71 -41.90 -12.70
CA ARG D 38 6.08 -43.07 -13.48
C ARG D 38 4.97 -44.11 -13.43
N GLN D 39 4.99 -45.03 -14.40
CA GLN D 39 3.98 -46.07 -14.49
C GLN D 39 4.64 -47.33 -15.05
N ALA D 40 4.66 -48.39 -14.25
CA ALA D 40 5.23 -49.64 -14.70
C ALA D 40 4.42 -50.20 -15.86
N PRO D 41 5.03 -51.02 -16.72
CA PRO D 41 4.29 -51.51 -17.90
C PRO D 41 3.07 -52.35 -17.55
N GLU D 42 3.00 -52.93 -16.35
CA GLU D 42 1.87 -53.74 -15.94
C GLU D 42 1.30 -53.34 -14.59
N LYS D 43 1.53 -52.11 -14.14
CA LYS D 43 1.02 -51.67 -12.84
C LYS D 43 0.46 -50.25 -12.93
N GLY D 44 0.11 -49.68 -11.77
CA GLY D 44 -0.44 -48.34 -11.72
C GLY D 44 0.64 -47.28 -11.59
N LEU D 45 0.20 -46.02 -11.53
CA LEU D 45 1.12 -44.90 -11.43
C LEU D 45 1.80 -44.88 -10.07
N GLU D 46 2.87 -44.09 -9.98
CA GLU D 46 3.62 -43.96 -8.73
C GLU D 46 4.31 -42.62 -8.70
N TRP D 47 4.22 -41.94 -7.57
CA TRP D 47 4.86 -40.63 -7.40
C TRP D 47 6.37 -40.78 -7.26
N VAL D 48 7.10 -39.80 -7.80
CA VAL D 48 8.56 -39.88 -7.81
C VAL D 48 9.18 -38.69 -7.08
N ALA D 49 8.94 -37.48 -7.58
CA ALA D 49 9.63 -36.32 -7.04
C ALA D 49 8.82 -35.06 -7.32
N TYR D 50 9.18 -33.99 -6.63
CA TYR D 50 8.49 -32.70 -6.76
C TYR D 50 9.48 -31.57 -6.49
N ILE D 51 9.42 -30.53 -7.31
CA ILE D 51 10.22 -29.32 -7.11
C ILE D 51 9.29 -28.11 -7.16
N SER D 52 9.42 -27.23 -6.18
CA SER D 52 8.50 -26.11 -6.04
C SER D 52 8.84 -25.00 -7.02
N SER D 53 8.07 -23.92 -6.96
CA SER D 53 8.28 -22.76 -7.82
C SER D 53 9.41 -21.91 -7.25
N GLY D 54 10.52 -21.84 -7.96
CA GLY D 54 11.69 -21.15 -7.47
C GLY D 54 12.70 -22.01 -6.76
N SER D 55 12.57 -23.34 -6.85
CA SER D 55 13.46 -24.30 -6.21
C SER D 55 13.49 -24.14 -4.69
N GLY D 56 12.41 -23.61 -4.10
CA GLY D 56 12.39 -23.41 -2.67
C GLY D 56 12.32 -24.72 -1.90
N THR D 57 11.43 -25.62 -2.29
CA THR D 57 11.19 -26.86 -1.56
C THR D 57 11.21 -28.04 -2.51
N ILE D 58 11.84 -29.13 -2.06
CA ILE D 58 11.95 -30.36 -2.85
C ILE D 58 11.52 -31.53 -1.97
N TYR D 59 10.79 -32.48 -2.56
CA TYR D 59 10.34 -33.67 -1.88
C TYR D 59 10.63 -34.90 -2.73
N TYR D 60 10.82 -36.04 -2.07
CA TYR D 60 11.11 -37.29 -2.75
C TYR D 60 10.22 -38.39 -2.19
N ALA D 61 10.08 -39.46 -2.96
CA ALA D 61 9.29 -40.61 -2.54
C ALA D 61 10.06 -41.42 -1.52
N ASP D 62 9.47 -42.54 -1.09
CA ASP D 62 10.08 -43.36 -0.06
C ASP D 62 11.22 -44.21 -0.62
N THR D 63 11.11 -44.68 -1.85
CA THR D 63 12.04 -45.65 -2.42
C THR D 63 13.03 -45.03 -3.40
N VAL D 64 13.14 -43.71 -3.43
CA VAL D 64 14.09 -43.03 -4.32
C VAL D 64 14.95 -42.00 -3.59
N LYS D 65 14.72 -41.76 -2.31
CA LYS D 65 15.49 -40.76 -1.59
C LYS D 65 16.96 -41.16 -1.53
N GLY D 66 17.84 -40.21 -1.84
CA GLY D 66 19.26 -40.45 -1.84
C GLY D 66 19.83 -40.98 -3.14
N ARG D 67 18.99 -41.31 -4.11
CA ARG D 67 19.43 -41.82 -5.40
C ARG D 67 19.00 -40.97 -6.58
N PHE D 68 17.97 -40.15 -6.44
CA PHE D 68 17.47 -39.29 -7.52
C PHE D 68 17.67 -37.84 -7.13
N THR D 69 17.66 -36.97 -8.15
CA THR D 69 17.82 -35.54 -7.93
C THR D 69 17.00 -34.79 -8.97
N ILE D 70 16.27 -33.77 -8.51
CA ILE D 70 15.39 -32.98 -9.37
C ILE D 70 15.95 -31.57 -9.47
N SER D 71 16.05 -31.07 -10.70
CA SER D 71 16.52 -29.71 -10.95
C SER D 71 15.72 -29.12 -12.11
N ARG D 72 15.71 -27.79 -12.17
CA ARG D 72 14.96 -27.09 -13.19
C ARG D 72 15.79 -26.02 -13.87
N LYS D 76 16.24 -20.68 -20.42
CA LYS D 76 16.44 -22.13 -20.42
C LYS D 76 15.11 -22.86 -20.61
N ASN D 77 14.25 -22.78 -19.59
CA ASN D 77 12.92 -23.39 -19.61
C ASN D 77 13.02 -24.90 -19.85
N THR D 78 13.65 -25.59 -18.90
CA THR D 78 13.80 -27.04 -18.98
C THR D 78 13.96 -27.60 -17.58
N LEU D 79 13.47 -28.82 -17.39
CA LEU D 79 13.55 -29.52 -16.12
C LEU D 79 14.34 -30.82 -16.28
N PHE D 80 15.08 -31.17 -15.25
CA PHE D 80 15.98 -32.33 -15.28
C PHE D 80 15.61 -33.31 -14.18
N LEU D 81 16.18 -34.51 -14.27
CA LEU D 81 16.03 -35.52 -13.23
C LEU D 81 17.24 -36.46 -13.32
N GLN D 82 18.18 -36.30 -12.41
CA GLN D 82 19.38 -37.13 -12.37
C GLN D 82 19.09 -38.37 -11.54
N MET D 83 19.29 -39.55 -12.12
CA MET D 83 19.04 -40.81 -11.46
C MET D 83 20.32 -41.63 -11.40
N THR D 84 20.53 -42.31 -10.28
CA THR D 84 21.75 -43.10 -10.06
C THR D 84 21.38 -44.45 -9.48
N SER D 85 22.28 -45.42 -9.70
CA SER D 85 22.13 -46.79 -9.19
C SER D 85 20.82 -47.40 -9.66
N LEU D 86 20.70 -47.54 -10.98
CA LEU D 86 19.47 -48.02 -11.60
C LEU D 86 19.39 -49.54 -11.47
N ARG D 87 18.41 -50.02 -10.71
CA ARG D 87 18.16 -51.44 -10.55
C ARG D 87 17.10 -51.89 -11.55
N SER D 88 16.67 -53.15 -11.43
CA SER D 88 15.72 -53.72 -12.38
C SER D 88 14.28 -53.27 -12.13
N GLU D 89 14.01 -52.56 -11.03
CA GLU D 89 12.67 -52.14 -10.68
C GLU D 89 12.32 -50.74 -11.19
N ASP D 90 13.22 -50.10 -11.94
CA ASP D 90 12.99 -48.74 -12.43
C ASP D 90 12.50 -48.70 -13.86
N THR D 91 12.24 -49.83 -14.49
CA THR D 91 11.81 -49.87 -15.89
C THR D 91 10.36 -49.39 -16.00
N ALA D 92 10.19 -48.11 -16.32
CA ALA D 92 8.86 -47.53 -16.48
C ALA D 92 9.01 -46.20 -17.21
N MET D 93 7.90 -45.78 -17.83
CA MET D 93 7.87 -44.49 -18.49
C MET D 93 7.70 -43.37 -17.47
N TYR D 94 8.43 -42.28 -17.65
CA TYR D 94 8.41 -41.15 -16.74
C TYR D 94 7.70 -39.98 -17.42
N TYR D 95 6.71 -39.41 -16.75
CA TYR D 95 5.96 -38.29 -17.26
C TYR D 95 6.39 -36.99 -16.60
N CYS D 96 6.06 -35.87 -17.25
CA CYS D 96 6.37 -34.54 -16.77
C CYS D 96 5.04 -33.82 -16.51
N VAL D 97 4.83 -33.39 -15.27
CA VAL D 97 3.54 -32.86 -14.83
C VAL D 97 3.75 -31.47 -14.25
N ARG D 98 2.90 -30.53 -14.64
CA ARG D 98 2.92 -29.17 -14.13
C ARG D 98 1.78 -28.95 -13.16
N SER D 99 1.96 -27.99 -12.26
CA SER D 99 0.92 -27.66 -11.28
C SER D 99 1.24 -26.30 -10.66
N ILE D 100 0.21 -25.48 -10.48
CA ILE D 100 0.34 -24.18 -9.83
C ILE D 100 -0.58 -24.15 -8.62
N TYR D 101 -0.08 -23.57 -7.53
CA TYR D 101 -0.77 -23.59 -6.25
C TYR D 101 -1.09 -22.16 -5.80
N TYR D 102 -2.37 -21.82 -5.84
CA TYR D 102 -2.88 -20.63 -5.18
C TYR D 102 -4.38 -20.82 -4.98
N TYR D 103 -5.02 -19.85 -4.33
CA TYR D 103 -6.43 -19.99 -3.99
C TYR D 103 -7.29 -20.01 -5.26
N GLY D 104 -7.83 -21.17 -5.60
CA GLY D 104 -8.65 -21.33 -6.78
C GLY D 104 -7.96 -21.98 -7.96
N SER D 105 -6.70 -22.38 -7.82
CA SER D 105 -5.97 -23.01 -8.90
C SER D 105 -6.35 -24.48 -9.03
N SER D 106 -5.99 -25.06 -10.17
CA SER D 106 -6.25 -26.47 -10.47
C SER D 106 -4.93 -27.18 -10.76
N PRO D 107 -4.33 -27.79 -9.75
CA PRO D 107 -3.05 -28.48 -9.97
C PRO D 107 -3.20 -29.70 -10.85
N PHE D 108 -2.05 -30.23 -11.29
CA PHE D 108 -1.98 -31.42 -12.14
C PHE D 108 -2.77 -31.23 -13.43
N ASP D 109 -2.66 -30.03 -14.02
CA ASP D 109 -3.48 -29.67 -15.17
C ASP D 109 -3.07 -30.45 -16.41
N PHE D 110 -1.83 -30.25 -16.87
CA PHE D 110 -1.37 -30.77 -18.15
C PHE D 110 -0.21 -31.73 -17.95
N TRP D 111 -0.33 -32.92 -18.52
CA TRP D 111 0.71 -33.93 -18.46
C TRP D 111 1.60 -33.87 -19.69
N GLY D 112 2.71 -34.59 -19.64
CA GLY D 112 3.64 -34.66 -20.74
C GLY D 112 3.38 -35.84 -21.65
N GLN D 113 4.41 -36.24 -22.39
CA GLN D 113 4.33 -37.37 -23.30
C GLN D 113 5.04 -38.61 -22.79
N GLY D 114 6.12 -38.45 -22.03
CA GLY D 114 6.77 -39.57 -21.40
C GLY D 114 7.94 -40.15 -22.16
N THR D 115 8.95 -40.63 -21.44
CA THR D 115 10.10 -41.30 -22.02
C THR D 115 10.20 -42.71 -21.44
N THR D 116 10.35 -43.70 -22.33
CA THR D 116 10.38 -45.10 -21.93
C THR D 116 11.81 -45.47 -21.56
N LEU D 117 12.06 -45.66 -20.26
CA LEU D 117 13.37 -46.03 -19.75
C LEU D 117 13.38 -47.52 -19.46
N THR D 118 14.27 -48.25 -20.11
CA THR D 118 14.41 -49.69 -19.92
C THR D 118 15.78 -49.99 -19.32
N VAL D 119 15.81 -50.89 -18.34
CA VAL D 119 17.03 -51.29 -17.67
C VAL D 119 17.26 -52.77 -17.88
N SER D 120 18.52 -53.14 -18.11
CA SER D 120 18.87 -54.54 -18.36
C SER D 120 19.28 -55.25 -17.08
N ILE D 138 -0.83 -42.68 3.40
CA ILE D 138 -2.24 -43.03 3.28
C ILE D 138 -2.43 -44.13 2.25
N VAL D 139 -3.03 -45.23 2.67
CA VAL D 139 -3.31 -46.36 1.79
C VAL D 139 -4.70 -46.17 1.21
N MET D 140 -4.77 -45.76 -0.05
CA MET D 140 -6.02 -45.46 -0.73
C MET D 140 -6.37 -46.65 -1.62
N THR D 141 -7.50 -47.27 -1.35
CA THR D 141 -7.83 -48.58 -1.92
C THR D 141 -9.00 -48.48 -2.89
N GLN D 142 -8.82 -49.01 -4.09
CA GLN D 142 -9.88 -49.14 -5.08
C GLN D 142 -10.17 -50.64 -5.23
N ALA D 143 -11.26 -51.09 -4.60
CA ALA D 143 -11.56 -52.52 -4.58
C ALA D 143 -11.87 -53.06 -5.97
N THR D 144 -12.65 -52.32 -6.76
CA THR D 144 -13.08 -52.79 -8.06
C THR D 144 -11.95 -52.58 -9.07
N SER D 145 -11.56 -53.66 -9.76
CA SER D 145 -10.49 -53.60 -10.75
C SER D 145 -10.98 -53.76 -12.18
N SER D 146 -12.23 -54.19 -12.39
CA SER D 146 -12.76 -54.35 -13.73
C SER D 146 -14.29 -54.33 -13.65
N VAL D 147 -14.91 -53.65 -14.59
CA VAL D 147 -16.37 -53.59 -14.66
C VAL D 147 -16.82 -53.89 -16.09
N PRO D 148 -17.93 -54.61 -16.27
CA PRO D 148 -18.50 -54.77 -17.61
C PRO D 148 -19.47 -53.65 -17.94
N VAL D 149 -19.27 -52.97 -19.06
CA VAL D 149 -20.10 -51.82 -19.42
C VAL D 149 -20.26 -51.79 -20.94
N THR D 150 -21.35 -51.17 -21.39
CA THR D 150 -21.69 -51.03 -22.79
C THR D 150 -22.06 -49.58 -23.07
N PRO D 151 -21.88 -49.12 -24.31
CA PRO D 151 -22.23 -47.74 -24.64
C PRO D 151 -23.72 -47.47 -24.41
N GLY D 152 -24.02 -46.26 -23.96
CA GLY D 152 -25.37 -45.87 -23.64
C GLY D 152 -25.80 -46.12 -22.21
N GLU D 153 -24.94 -46.73 -21.40
CA GLU D 153 -25.27 -47.04 -20.01
C GLU D 153 -24.63 -46.03 -19.07
N SER D 154 -24.87 -46.22 -17.77
CA SER D 154 -24.29 -45.40 -16.73
C SER D 154 -23.41 -46.27 -15.84
N VAL D 155 -22.21 -45.79 -15.54
CA VAL D 155 -21.24 -46.54 -14.75
C VAL D 155 -20.79 -45.69 -13.58
N SER D 156 -20.30 -46.36 -12.54
CA SER D 156 -19.80 -45.69 -11.34
C SER D 156 -18.61 -46.46 -10.78
N ILE D 157 -17.60 -45.72 -10.33
CA ILE D 157 -16.41 -46.29 -9.73
C ILE D 157 -16.16 -45.61 -8.39
N SER D 158 -15.78 -46.40 -7.39
CA SER D 158 -15.58 -45.91 -6.04
C SER D 158 -14.26 -46.42 -5.48
N CYS D 159 -13.58 -45.56 -4.72
CA CYS D 159 -12.37 -45.94 -4.01
C CYS D 159 -12.37 -45.26 -2.65
N ARG D 160 -11.82 -45.95 -1.65
CA ARG D 160 -11.87 -45.52 -0.25
C ARG D 160 -10.50 -45.03 0.20
N SER D 161 -10.44 -44.56 1.44
CA SER D 161 -9.20 -44.05 2.02
C SER D 161 -9.07 -44.54 3.45
N SER D 162 -7.82 -44.68 3.90
CA SER D 162 -7.56 -45.16 5.26
C SER D 162 -7.79 -44.08 6.30
N LYS D 163 -7.53 -42.82 5.96
CA LYS D 163 -7.67 -41.70 6.87
C LYS D 163 -8.62 -40.67 6.29
N SER D 164 -9.28 -39.92 7.17
CA SER D 164 -10.22 -38.90 6.72
C SER D 164 -9.51 -37.82 5.93
N LEU D 165 -10.13 -37.39 4.84
CA LEU D 165 -9.54 -36.44 3.91
C LEU D 165 -10.12 -35.04 4.03
N LEU D 166 -10.82 -34.74 5.12
CA LEU D 166 -11.38 -33.42 5.34
C LEU D 166 -10.53 -32.69 6.39
N HIS D 167 -10.00 -31.53 6.01
CA HIS D 167 -9.16 -30.74 6.91
C HIS D 167 -10.03 -29.81 7.75
N SER D 168 -9.38 -28.98 8.57
CA SER D 168 -10.09 -28.07 9.44
C SER D 168 -10.77 -26.95 8.66
N ASN D 169 -10.24 -26.59 7.50
CA ASN D 169 -10.79 -25.50 6.70
C ASN D 169 -11.96 -25.93 5.83
N GLY D 170 -12.32 -27.21 5.83
CA GLY D 170 -13.46 -27.68 5.07
C GLY D 170 -13.15 -28.13 3.66
N ASN D 171 -11.89 -28.37 3.33
CA ASN D 171 -11.48 -28.81 2.01
C ASN D 171 -11.14 -30.28 2.02
N THR D 172 -11.64 -31.01 1.03
CA THR D 172 -11.31 -32.42 0.84
C THR D 172 -10.55 -32.58 -0.48
N TYR D 173 -9.50 -33.39 -0.45
CA TYR D 173 -8.55 -33.50 -1.56
C TYR D 173 -8.66 -34.88 -2.20
N LEU D 174 -9.53 -35.00 -3.20
CA LEU D 174 -9.65 -36.21 -3.99
C LEU D 174 -9.60 -35.84 -5.46
N TYR D 175 -8.72 -36.51 -6.21
CA TYR D 175 -8.55 -36.26 -7.64
C TYR D 175 -8.87 -37.52 -8.42
N TRP D 176 -9.42 -37.34 -9.61
CA TRP D 176 -9.78 -38.44 -10.49
C TRP D 176 -9.13 -38.23 -11.85
N PHE D 177 -8.39 -39.23 -12.32
CA PHE D 177 -7.68 -39.17 -13.59
C PHE D 177 -8.18 -40.27 -14.52
N LEU D 178 -8.02 -40.01 -15.82
CA LEU D 178 -8.43 -40.95 -16.86
C LEU D 178 -7.27 -41.12 -17.83
N GLN D 179 -6.92 -42.37 -18.13
CA GLN D 179 -5.83 -42.70 -19.03
C GLN D 179 -6.36 -43.50 -20.20
N ARG D 180 -6.58 -42.83 -21.33
CA ARG D 180 -7.01 -43.52 -22.53
C ARG D 180 -5.91 -44.45 -23.03
N PRO D 181 -6.26 -45.53 -23.73
CA PRO D 181 -5.23 -46.48 -24.18
C PRO D 181 -4.26 -45.82 -25.16
N GLY D 182 -2.98 -45.87 -24.81
CA GLY D 182 -1.94 -45.31 -25.64
C GLY D 182 -1.72 -43.82 -25.48
N GLN D 183 -2.45 -43.15 -24.59
CA GLN D 183 -2.34 -41.71 -24.38
C GLN D 183 -1.83 -41.45 -22.96
N SER D 184 -1.85 -40.17 -22.57
CA SER D 184 -1.42 -39.73 -21.26
C SER D 184 -2.62 -39.34 -20.40
N PRO D 185 -2.52 -39.48 -19.09
CA PRO D 185 -3.65 -39.15 -18.21
C PRO D 185 -4.03 -37.68 -18.29
N GLN D 186 -5.31 -37.41 -18.10
CA GLN D 186 -5.84 -36.05 -18.11
C GLN D 186 -6.72 -35.84 -16.89
N LEU D 187 -6.56 -34.70 -16.22
CA LEU D 187 -7.31 -34.41 -15.02
C LEU D 187 -8.79 -34.26 -15.34
N LEU D 188 -9.65 -34.84 -14.49
CA LEU D 188 -11.09 -34.79 -14.68
C LEU D 188 -11.80 -34.07 -13.54
N ILE D 189 -11.56 -34.47 -12.29
CA ILE D 189 -12.22 -33.89 -11.13
C ILE D 189 -11.16 -33.59 -10.08
N TYR D 190 -11.10 -32.36 -9.62
CA TYR D 190 -10.12 -31.95 -8.62
C TYR D 190 -10.83 -31.45 -7.35
N ARG D 191 -10.28 -31.82 -6.20
CA ARG D 191 -10.85 -31.52 -4.89
C ARG D 191 -12.25 -32.12 -4.73
N MET D 192 -12.49 -33.26 -5.40
CA MET D 192 -13.61 -34.15 -5.15
C MET D 192 -14.96 -33.60 -5.60
N SER D 193 -15.03 -32.33 -5.98
CA SER D 193 -16.28 -31.77 -6.44
C SER D 193 -16.16 -30.85 -7.66
N ASN D 194 -14.97 -30.39 -8.03
CA ASN D 194 -14.81 -29.39 -9.07
C ASN D 194 -14.46 -30.06 -10.39
N LEU D 195 -15.17 -29.70 -11.46
CA LEU D 195 -14.91 -30.22 -12.79
C LEU D 195 -13.86 -29.36 -13.47
N ALA D 196 -12.90 -30.02 -14.13
CA ALA D 196 -11.79 -29.32 -14.75
C ALA D 196 -12.25 -28.57 -16.00
N SER D 197 -11.31 -27.90 -16.65
CA SER D 197 -11.60 -27.10 -17.85
C SER D 197 -11.49 -27.97 -19.09
N GLY D 198 -12.53 -27.95 -19.92
CA GLY D 198 -12.59 -28.74 -21.11
C GLY D 198 -13.26 -30.09 -20.95
N VAL D 199 -13.42 -30.56 -19.73
CA VAL D 199 -14.10 -31.84 -19.49
C VAL D 199 -15.58 -31.68 -19.77
N PRO D 200 -16.23 -32.65 -20.41
CA PRO D 200 -17.68 -32.56 -20.62
C PRO D 200 -18.45 -32.56 -19.30
N ASP D 201 -19.74 -32.32 -19.41
CA ASP D 201 -20.62 -32.21 -18.25
C ASP D 201 -21.13 -33.55 -17.75
N ARG D 202 -20.80 -34.65 -18.44
CA ARG D 202 -21.31 -35.95 -18.04
C ARG D 202 -20.78 -36.37 -16.67
N PHE D 203 -19.49 -36.16 -16.43
CA PHE D 203 -18.87 -36.63 -15.19
C PHE D 203 -19.30 -35.79 -14.00
N SER D 204 -19.36 -36.44 -12.84
CA SER D 204 -19.66 -35.76 -11.59
C SER D 204 -19.11 -36.61 -10.45
N GLY D 205 -18.83 -35.96 -9.32
CA GLY D 205 -18.21 -36.64 -8.19
C GLY D 205 -18.84 -36.19 -6.89
N SER D 206 -18.82 -37.11 -5.91
CA SER D 206 -19.34 -36.83 -4.58
C SER D 206 -18.69 -37.80 -3.60
N GLY D 207 -18.77 -37.46 -2.33
CA GLY D 207 -18.20 -38.31 -1.29
C GLY D 207 -18.41 -37.68 0.07
N SER D 208 -17.90 -38.39 1.09
CA SER D 208 -18.05 -37.92 2.46
C SER D 208 -16.94 -38.55 3.31
N GLY D 209 -15.90 -37.77 3.59
CA GLY D 209 -14.89 -38.15 4.56
C GLY D 209 -13.92 -39.22 4.11
N THR D 210 -14.39 -40.45 3.94
CA THR D 210 -13.55 -41.57 3.58
C THR D 210 -14.08 -42.42 2.44
N ALA D 211 -15.35 -42.26 2.05
CA ALA D 211 -15.93 -43.00 0.94
C ALA D 211 -16.27 -42.03 -0.18
N PHE D 212 -15.72 -42.29 -1.36
CA PHE D 212 -15.92 -41.43 -2.52
C PHE D 212 -16.35 -42.25 -3.72
N THR D 213 -17.06 -41.60 -4.64
CA THR D 213 -17.51 -42.26 -5.85
C THR D 213 -17.60 -41.23 -6.97
N LEU D 214 -17.54 -41.74 -8.20
CA LEU D 214 -17.66 -40.91 -9.40
C LEU D 214 -18.71 -41.51 -10.31
N THR D 215 -19.52 -40.66 -10.91
CA THR D 215 -20.60 -41.10 -11.79
C THR D 215 -20.34 -40.62 -13.22
N ILE D 216 -20.66 -41.48 -14.18
CA ILE D 216 -20.56 -41.16 -15.59
C ILE D 216 -21.94 -41.33 -16.21
N SER D 217 -22.40 -40.32 -16.94
CA SER D 217 -23.74 -40.31 -17.51
C SER D 217 -23.66 -40.38 -19.02
N ARG D 218 -24.51 -41.23 -19.61
CA ARG D 218 -24.58 -41.42 -21.06
C ARG D 218 -23.21 -41.80 -21.64
N LEU D 219 -22.73 -42.96 -21.21
CA LEU D 219 -21.41 -43.42 -21.63
C LEU D 219 -21.35 -43.59 -23.15
N GLU D 220 -20.26 -43.13 -23.74
CA GLU D 220 -20.01 -43.25 -25.17
C GLU D 220 -18.74 -44.06 -25.40
N ALA D 221 -18.33 -44.14 -26.67
CA ALA D 221 -17.10 -44.84 -27.03
C ALA D 221 -15.85 -44.00 -26.81
N GLU D 222 -16.00 -42.72 -26.47
CA GLU D 222 -14.88 -41.82 -26.27
C GLU D 222 -14.47 -41.72 -24.80
N ASP D 223 -15.07 -42.51 -23.92
CA ASP D 223 -14.77 -42.48 -22.50
C ASP D 223 -14.43 -43.89 -22.00
N VAL D 224 -13.57 -44.59 -22.74
CA VAL D 224 -13.16 -45.95 -22.41
C VAL D 224 -11.69 -45.91 -22.02
N GLY D 225 -11.36 -46.52 -20.88
CA GLY D 225 -9.98 -46.52 -20.42
C GLY D 225 -9.89 -47.03 -18.99
N VAL D 226 -8.87 -46.55 -18.29
CA VAL D 226 -8.64 -46.90 -16.89
C VAL D 226 -8.64 -45.63 -16.05
N TYR D 227 -9.18 -45.74 -14.84
CA TYR D 227 -9.37 -44.60 -13.95
C TYR D 227 -8.52 -44.77 -12.70
N TYR D 228 -8.00 -43.66 -12.20
CA TYR D 228 -7.19 -43.64 -10.99
C TYR D 228 -7.70 -42.56 -10.06
N CYS D 229 -7.57 -42.80 -8.75
CA CYS D 229 -7.94 -41.83 -7.73
C CYS D 229 -6.75 -41.59 -6.82
N MET D 230 -6.64 -40.36 -6.32
CA MET D 230 -5.42 -39.91 -5.67
C MET D 230 -5.73 -38.80 -4.67
N GLN D 231 -4.97 -38.78 -3.57
CA GLN D 231 -5.13 -37.80 -2.50
C GLN D 231 -4.03 -36.75 -2.56
N HIS D 232 -4.29 -35.61 -1.93
CA HIS D 232 -3.29 -34.54 -1.84
C HIS D 232 -3.32 -33.88 -0.46
N LEU D 233 -3.41 -34.69 0.60
CA LEU D 233 -3.26 -34.19 1.95
C LEU D 233 -1.85 -34.36 2.50
N GLU D 234 -1.37 -35.59 2.57
CA GLU D 234 -0.02 -35.89 3.01
C GLU D 234 0.88 -36.01 1.78
N TYR D 235 1.99 -35.29 1.83
CA TYR D 235 2.83 -35.14 0.64
C TYR D 235 3.44 -36.45 0.14
N PRO D 236 3.53 -37.52 0.96
CA PRO D 236 3.77 -38.83 0.35
C PRO D 236 2.57 -39.28 -0.47
N LEU D 237 2.42 -38.66 -1.64
CA LEU D 237 1.26 -38.85 -2.49
C LEU D 237 1.13 -40.32 -2.89
N THR D 238 -0.11 -40.80 -2.89
CA THR D 238 -0.39 -42.20 -3.19
C THR D 238 -1.62 -42.30 -4.08
N PHE D 239 -1.51 -43.15 -5.10
CA PHE D 239 -2.59 -43.39 -6.05
C PHE D 239 -3.38 -44.62 -5.65
N GLY D 240 -4.39 -44.93 -6.45
CA GLY D 240 -5.16 -46.14 -6.29
C GLY D 240 -4.72 -47.23 -7.25
N ALA D 241 -5.26 -48.44 -7.03
CA ALA D 241 -4.91 -49.57 -7.89
C ALA D 241 -5.36 -49.33 -9.32
N GLY D 242 -6.56 -48.77 -9.51
CA GLY D 242 -7.06 -48.49 -10.83
C GLY D 242 -8.15 -49.43 -11.28
N THR D 243 -9.16 -48.89 -11.96
CA THR D 243 -10.28 -49.68 -12.47
C THR D 243 -10.40 -49.45 -13.97
N LYS D 244 -10.56 -50.55 -14.72
CA LYS D 244 -10.66 -50.51 -16.16
C LYS D 244 -12.11 -50.72 -16.58
N LEU D 245 -12.71 -49.71 -17.22
CA LEU D 245 -14.08 -49.79 -17.69
C LEU D 245 -14.04 -50.22 -19.16
N GLU D 246 -14.07 -51.54 -19.38
CA GLU D 246 -13.99 -52.08 -20.73
C GLU D 246 -15.36 -52.16 -21.39
N GLU E 76 26.95 9.32 55.06
CA GLU E 76 27.75 9.38 53.83
C GLU E 76 27.14 10.36 52.82
N PRO E 77 27.46 11.64 52.96
CA PRO E 77 26.92 12.66 52.05
C PRO E 77 27.24 12.36 50.59
N PRO E 78 28.45 11.90 50.25
CA PRO E 78 28.70 11.57 48.83
C PRO E 78 27.85 10.40 48.34
N VAL E 79 27.75 9.34 49.12
CA VAL E 79 26.97 8.17 48.71
C VAL E 79 25.50 8.53 48.59
N ILE E 80 24.97 9.29 49.55
CA ILE E 80 23.56 9.66 49.48
C ILE E 80 23.32 10.64 48.33
N LEU E 81 24.28 11.51 48.03
CA LEU E 81 24.13 12.39 46.87
C LEU E 81 24.09 11.59 45.58
N SER E 82 24.96 10.59 45.45
CA SER E 82 24.94 9.74 44.27
C SER E 82 23.62 8.97 44.18
N MET E 83 23.11 8.49 45.31
CA MET E 83 21.82 7.79 45.31
C MET E 83 20.70 8.72 44.89
N VAL E 84 20.71 9.96 45.36
CA VAL E 84 19.69 10.93 44.96
C VAL E 84 19.76 11.19 43.46
N ILE E 85 20.98 11.34 42.93
CA ILE E 85 21.15 11.54 41.49
C ILE E 85 20.60 10.35 40.72
N LEU E 86 20.90 9.13 41.19
CA LEU E 86 20.40 7.94 40.53
C LEU E 86 18.88 7.89 40.54
N SER E 87 18.27 8.21 41.68
CA SER E 87 16.81 8.18 41.78
C SER E 87 16.17 9.20 40.85
N LEU E 88 16.72 10.41 40.82
CA LEU E 88 16.19 11.43 39.92
C LEU E 88 16.35 11.02 38.46
N THR E 89 17.49 10.43 38.12
CA THR E 89 17.71 9.97 36.74
C THR E 89 16.70 8.90 36.36
N PHE E 90 16.47 7.93 37.25
CA PHE E 90 15.50 6.87 36.97
C PHE E 90 14.10 7.45 36.77
N LEU E 91 13.67 8.31 37.70
CA LEU E 91 12.31 8.83 37.66
C LEU E 91 12.09 9.71 36.43
N LEU E 92 13.10 10.49 36.04
CA LEU E 92 12.95 11.35 34.87
C LEU E 92 13.29 10.66 33.56
N GLY E 93 13.83 9.44 33.61
CA GLY E 93 14.19 8.75 32.39
C GLY E 93 13.21 7.68 31.95
N LEU E 94 12.63 6.95 32.89
CA LEU E 94 11.74 5.85 32.50
C LEU E 94 10.53 6.32 31.68
N PRO E 95 9.78 7.37 32.06
CA PRO E 95 8.55 7.69 31.31
C PRO E 95 8.82 8.15 29.89
N GLY E 96 9.77 9.09 29.77
CA GLY E 96 10.10 9.62 28.45
C GLY E 96 10.66 8.56 27.52
N ASN E 97 11.54 7.69 28.01
CA ASN E 97 12.04 6.66 27.06
C ASN E 97 10.93 5.66 26.72
N GLY E 98 10.11 5.29 27.69
CA GLY E 98 9.03 4.39 27.30
C GLY E 98 8.12 4.99 26.25
N LEU E 99 7.74 6.26 26.44
CA LEU E 99 6.87 6.93 25.48
C LEU E 99 7.54 7.05 24.12
N VAL E 100 8.83 7.41 24.11
CA VAL E 100 9.56 7.56 22.85
C VAL E 100 9.64 6.22 22.13
N LEU E 101 9.95 5.15 22.87
CA LEU E 101 10.02 3.83 22.25
C LEU E 101 8.67 3.44 21.67
N TRP E 102 7.59 3.64 22.43
CA TRP E 102 6.27 3.28 21.93
C TRP E 102 5.93 4.02 20.65
N VAL E 103 6.12 5.35 20.66
CA VAL E 103 5.75 6.14 19.49
C VAL E 103 6.60 5.78 18.28
N ALA E 104 7.91 5.64 18.49
CA ALA E 104 8.83 5.43 17.37
C ALA E 104 8.87 3.98 16.88
N GLY E 105 8.30 3.04 17.63
CA GLY E 105 8.31 1.67 17.17
C GLY E 105 6.93 1.10 16.89
N LEU E 106 5.88 1.84 17.23
CA LEU E 106 4.53 1.32 17.04
C LEU E 106 3.64 2.33 16.34
N LYS E 107 3.95 3.62 16.48
CA LYS E 107 3.12 4.68 15.95
C LYS E 107 3.76 5.42 14.78
N MET E 108 4.91 4.96 14.30
CA MET E 108 5.60 5.61 13.19
C MET E 108 6.04 4.58 12.17
N GLN E 109 6.15 5.02 10.92
CA GLN E 109 6.61 4.16 9.84
C GLN E 109 8.13 4.03 9.86
N ARG E 110 8.62 3.03 9.15
CA ARG E 110 10.06 2.75 9.10
C ARG E 110 10.70 3.61 8.02
N THR E 111 11.53 4.56 8.44
CA THR E 111 12.27 5.44 7.54
C THR E 111 13.76 5.34 7.86
N VAL E 112 14.57 6.08 7.08
CA VAL E 112 16.00 6.05 7.28
C VAL E 112 16.38 6.76 8.58
N ASN E 113 15.72 7.88 8.88
CA ASN E 113 16.03 8.64 10.08
C ASN E 113 15.43 8.03 11.34
N THR E 114 14.42 7.17 11.21
CA THR E 114 13.78 6.56 12.36
C THR E 114 14.63 5.46 12.99
N ILE E 115 15.46 4.78 12.20
CA ILE E 115 16.24 3.65 12.70
C ILE E 115 17.22 4.10 13.78
N TRP E 116 17.89 5.23 13.55
CA TRP E 116 18.85 5.73 14.53
C TRP E 116 18.17 6.02 15.86
N PHE E 117 17.02 6.69 15.82
CA PHE E 117 16.28 6.99 17.05
C PHE E 117 15.82 5.72 17.74
N LEU E 118 15.35 4.75 16.96
CA LEU E 118 14.88 3.49 17.55
C LEU E 118 16.01 2.77 18.27
N HIS E 119 17.17 2.68 17.63
CA HIS E 119 18.29 1.95 18.24
C HIS E 119 18.82 2.70 19.46
N LEU E 120 18.91 4.03 19.39
CA LEU E 120 19.35 4.80 20.54
C LEU E 120 18.37 4.65 21.71
N THR E 121 17.06 4.66 21.40
CA THR E 121 16.06 4.45 22.44
C THR E 121 16.19 3.07 23.07
N LEU E 122 16.43 2.05 22.24
CA LEU E 122 16.62 0.70 22.78
C LEU E 122 17.83 0.64 23.71
N ALA E 123 18.94 1.24 23.29
CA ALA E 123 20.15 1.23 24.13
C ALA E 123 19.91 1.97 25.45
N ASP E 124 19.26 3.14 25.38
CA ASP E 124 18.99 3.89 26.59
C ASP E 124 18.05 3.16 27.52
N LEU E 125 17.02 2.50 26.97
CA LEU E 125 16.10 1.74 27.81
C LEU E 125 16.80 0.57 28.47
N LEU E 126 17.67 -0.12 27.74
CA LEU E 126 18.44 -1.20 28.36
C LEU E 126 19.35 -0.67 29.46
N CYS E 127 19.92 0.52 29.26
CA CYS E 127 20.73 1.14 30.31
C CYS E 127 19.88 1.49 31.53
N CYS E 128 18.63 1.91 31.32
CA CYS E 128 17.77 2.35 32.42
C CYS E 128 17.29 1.20 33.29
N LEU E 129 17.45 -0.05 32.87
CA LEU E 129 16.98 -1.20 33.62
C LEU E 129 17.99 -1.68 34.66
N SER E 130 19.16 -1.06 34.74
CA SER E 130 20.20 -1.47 35.69
C SER E 130 20.33 -0.55 36.89
N LEU E 131 19.52 0.51 36.96
CA LEU E 131 19.61 1.42 38.09
C LEU E 131 19.24 0.79 39.42
N PRO E 132 18.16 0.01 39.55
CA PRO E 132 17.91 -0.66 40.84
C PRO E 132 19.04 -1.57 41.29
N PHE E 133 19.72 -2.23 40.34
CA PHE E 133 20.90 -3.01 40.70
C PHE E 133 21.99 -2.11 41.25
N SER E 134 22.15 -0.92 40.68
CA SER E 134 23.13 0.04 41.20
C SER E 134 22.77 0.47 42.61
N LEU E 135 21.48 0.71 42.87
CA LEU E 135 21.06 1.07 44.22
C LEU E 135 21.33 -0.06 45.21
N ALA E 136 21.06 -1.30 44.79
CA ALA E 136 21.34 -2.44 45.66
C ALA E 136 22.83 -2.56 45.95
N HIS E 137 23.67 -2.36 44.93
CA HIS E 137 25.12 -2.42 45.14
C HIS E 137 25.58 -1.30 46.07
N LEU E 138 25.01 -0.10 45.92
CA LEU E 138 25.36 0.99 46.82
C LEU E 138 24.97 0.68 48.25
N ALA E 139 23.79 0.06 48.44
CA ALA E 139 23.39 -0.35 49.78
C ALA E 139 24.31 -1.43 50.33
N LEU E 140 24.82 -2.29 49.45
CA LEU E 140 25.70 -3.38 49.89
C LEU E 140 26.99 -2.85 50.51
N GLN E 141 27.51 -1.73 50.00
CA GLN E 141 28.72 -1.09 50.52
C GLN E 141 29.91 -2.04 50.50
N GLY E 142 30.32 -2.40 49.28
CA GLY E 142 31.48 -3.24 49.09
C GLY E 142 31.33 -4.67 49.57
N GLN E 143 30.17 -5.30 49.30
CA GLN E 143 29.94 -6.69 49.65
C GLN E 143 29.15 -7.34 48.53
N TRP E 144 29.29 -8.65 48.40
CA TRP E 144 28.60 -9.42 47.36
C TRP E 144 28.45 -10.86 47.83
N PRO E 145 27.31 -11.23 48.38
CA PRO E 145 27.08 -12.61 48.80
C PRO E 145 26.61 -13.54 47.68
N TYR E 146 26.66 -13.09 46.43
CA TYR E 146 26.14 -13.87 45.32
C TYR E 146 27.27 -14.71 44.72
N GLY E 147 27.01 -15.31 43.56
CA GLY E 147 28.00 -16.09 42.86
C GLY E 147 28.89 -15.24 41.97
N ARG E 148 29.72 -15.93 41.18
CA ARG E 148 30.66 -15.24 40.29
C ARG E 148 30.00 -14.83 38.98
N PHE E 149 28.96 -15.54 38.55
CA PHE E 149 28.39 -15.31 37.23
C PHE E 149 27.75 -13.93 37.12
N LEU E 150 26.97 -13.52 38.11
CA LEU E 150 26.30 -12.23 38.05
C LEU E 150 27.31 -11.08 38.05
N CYS E 151 28.33 -11.19 38.90
CA CYS E 151 29.37 -10.15 38.94
C CYS E 151 30.13 -10.09 37.62
N LYS E 152 30.42 -11.24 37.03
CA LYS E 152 31.09 -11.25 35.72
C LYS E 152 30.19 -10.68 34.63
N LEU E 153 28.87 -10.82 34.77
CA LEU E 153 27.96 -10.54 33.68
C LEU E 153 27.48 -9.08 33.64
N ILE E 154 26.87 -8.61 34.72
CA ILE E 154 26.06 -7.39 34.64
C ILE E 154 26.84 -6.16 34.14
N PRO E 155 28.02 -5.84 34.68
CA PRO E 155 28.73 -4.65 34.19
C PRO E 155 29.02 -4.70 32.69
N SER E 156 29.20 -5.90 32.12
CA SER E 156 29.39 -5.99 30.67
C SER E 156 28.15 -5.49 29.93
N ILE E 157 26.96 -5.85 30.40
CA ILE E 157 25.74 -5.37 29.76
C ILE E 157 25.63 -3.85 29.89
N ILE E 158 25.96 -3.32 31.06
CA ILE E 158 25.86 -1.87 31.26
C ILE E 158 26.81 -1.13 30.32
N VAL E 159 28.06 -1.62 30.23
CA VAL E 159 29.06 -1.00 29.36
C VAL E 159 28.62 -1.09 27.90
N LEU E 160 28.06 -2.24 27.50
CA LEU E 160 27.56 -2.38 26.14
C LEU E 160 26.49 -1.34 25.84
N ASN E 161 25.55 -1.14 26.77
CA ASN E 161 24.51 -0.13 26.56
C ASN E 161 25.11 1.25 26.36
N MET E 162 26.02 1.65 27.26
CA MET E 162 26.59 2.99 27.17
C MET E 162 27.34 3.20 25.85
N PHE E 163 28.17 2.23 25.47
CA PHE E 163 28.98 2.42 24.26
C PHE E 163 28.14 2.37 23.00
N ALA E 164 27.08 1.54 22.99
CA ALA E 164 26.17 1.55 21.86
C ALA E 164 25.51 2.91 21.71
N SER E 165 25.09 3.52 22.84
CA SER E 165 24.50 4.85 22.75
C SER E 165 25.49 5.87 22.19
N VAL E 166 26.74 5.82 22.64
CA VAL E 166 27.74 6.80 22.18
C VAL E 166 27.97 6.66 20.68
N PHE E 167 28.16 5.42 20.22
CA PHE E 167 28.42 5.22 18.79
C PHE E 167 27.21 5.58 17.94
N LEU E 168 26.00 5.36 18.45
CA LEU E 168 24.81 5.78 17.71
C LEU E 168 24.76 7.30 17.59
N LEU E 169 25.14 8.02 18.65
CA LEU E 169 25.20 9.48 18.56
C LEU E 169 26.19 9.92 17.49
N THR E 170 27.37 9.31 17.47
CA THR E 170 28.36 9.68 16.45
C THR E 170 27.84 9.39 15.04
N ALA E 171 27.17 8.24 14.86
CA ALA E 171 26.61 7.92 13.56
C ALA E 171 25.55 8.93 13.14
N ILE E 172 24.74 9.40 14.09
CA ILE E 172 23.73 10.40 13.77
C ILE E 172 24.40 11.68 13.27
N SER E 173 25.45 12.12 13.96
CA SER E 173 26.14 13.34 13.54
C SER E 173 26.74 13.18 12.14
N LEU E 174 27.38 12.05 11.88
CA LEU E 174 27.98 11.82 10.57
C LEU E 174 26.92 11.77 9.48
N ASP E 175 25.78 11.14 9.76
CA ASP E 175 24.70 11.09 8.78
C ASP E 175 24.21 12.50 8.45
N ARG E 176 24.04 13.34 9.48
CA ARG E 176 23.60 14.71 9.24
C ARG E 176 24.58 15.47 8.35
N CYS E 177 25.88 15.35 8.66
CA CYS E 177 26.87 16.03 7.83
C CYS E 177 26.83 15.53 6.39
N LEU E 178 26.71 14.21 6.21
CA LEU E 178 26.70 13.64 4.87
C LEU E 178 25.51 14.13 4.05
N VAL E 179 24.32 14.13 4.64
CA VAL E 179 23.16 14.59 3.88
C VAL E 179 23.28 16.08 3.60
N VAL E 180 23.97 16.83 4.47
CA VAL E 180 24.12 18.26 4.22
C VAL E 180 25.06 18.50 3.03
N PHE E 181 26.17 17.77 2.97
CA PHE E 181 27.21 18.10 2.00
C PHE E 181 27.07 17.41 0.64
N LYS E 182 26.54 16.19 0.59
CA LYS E 182 26.49 15.40 -0.64
C LYS E 182 25.05 15.11 -1.01
N PRO E 183 24.42 15.92 -1.85
CA PRO E 183 23.01 15.68 -2.21
C PRO E 183 22.81 14.57 -3.22
N ILE E 184 23.70 14.47 -4.22
CA ILE E 184 23.50 13.53 -5.32
C ILE E 184 23.68 12.08 -4.82
N TRP E 185 24.77 11.83 -4.11
CA TRP E 185 25.04 10.48 -3.63
C TRP E 185 24.01 10.05 -2.61
N CYS E 186 23.57 10.97 -1.75
CA CYS E 186 22.52 10.65 -0.78
C CYS E 186 21.20 10.37 -1.49
N GLN E 187 20.91 11.11 -2.55
CA GLN E 187 19.68 10.87 -3.32
C GLN E 187 19.72 9.49 -3.99
N ASN E 188 20.88 9.09 -4.49
CA ASN E 188 20.96 7.85 -5.28
C ASN E 188 21.16 6.60 -4.44
N HIS E 189 21.91 6.67 -3.33
CA HIS E 189 22.34 5.46 -2.64
C HIS E 189 22.14 5.57 -1.13
N ARG E 190 20.96 5.99 -0.69
CA ARG E 190 20.61 5.98 0.73
C ARG E 190 19.30 5.24 0.91
N ASN E 191 19.31 4.18 1.72
CA ASN E 191 18.12 3.40 2.00
C ASN E 191 18.25 2.77 3.38
N VAL E 192 17.25 1.94 3.72
CA VAL E 192 17.16 1.38 5.07
C VAL E 192 18.29 0.39 5.33
N GLY E 193 18.67 -0.39 4.31
CA GLY E 193 19.64 -1.45 4.52
C GLY E 193 20.97 -0.96 5.05
N MET E 194 21.44 0.19 4.55
CA MET E 194 22.68 0.75 5.05
C MET E 194 22.57 1.11 6.52
N ALA E 195 21.44 1.70 6.92
CA ALA E 195 21.23 2.04 8.32
C ALA E 195 21.22 0.79 9.19
N CYS E 196 20.54 -0.26 8.73
CA CYS E 196 20.51 -1.50 9.50
C CYS E 196 21.89 -2.11 9.65
N SER E 197 22.68 -2.11 8.56
CA SER E 197 24.03 -2.65 8.63
C SER E 197 24.91 -1.84 9.58
N ILE E 198 24.79 -0.50 9.53
CA ILE E 198 25.58 0.35 10.42
C ILE E 198 25.20 0.09 11.87
N CYS E 199 23.89 -0.05 12.15
CA CYS E 199 23.46 -0.33 13.51
C CYS E 199 23.98 -1.68 14.00
N GLY E 200 23.94 -2.69 13.13
CA GLY E 200 24.48 -3.99 13.51
C GLY E 200 25.97 -3.93 13.81
N CYS E 201 26.73 -3.20 12.99
CA CYS E 201 28.16 -3.05 13.24
C CYS E 201 28.41 -2.31 14.55
N ILE E 202 27.57 -1.31 14.86
CA ILE E 202 27.72 -0.58 16.11
C ILE E 202 27.48 -1.50 17.31
N TRP E 203 26.43 -2.34 17.23
CA TRP E 203 26.18 -3.28 18.31
C TRP E 203 27.32 -4.28 18.45
N VAL E 204 27.88 -4.73 17.33
CA VAL E 204 28.99 -5.67 17.37
C VAL E 204 30.20 -5.05 18.05
N VAL E 205 30.53 -3.80 17.70
CA VAL E 205 31.69 -3.16 18.30
C VAL E 205 31.43 -2.87 19.78
N ALA E 206 30.17 -2.59 20.15
CA ALA E 206 29.85 -2.44 21.57
C ALA E 206 30.10 -3.74 22.32
N PHE E 207 29.68 -4.88 21.73
CA PHE E 207 29.95 -6.17 22.36
C PHE E 207 31.46 -6.41 22.50
N VAL E 208 32.22 -6.09 21.45
CA VAL E 208 33.66 -6.28 21.50
C VAL E 208 34.27 -5.44 22.62
N MET E 209 33.82 -4.18 22.75
CA MET E 209 34.29 -3.33 23.83
C MET E 209 33.84 -3.81 25.20
N CYS E 210 32.75 -4.58 25.28
CA CYS E 210 32.24 -5.02 26.56
C CYS E 210 32.75 -6.40 26.99
N ILE E 211 33.46 -7.13 26.13
CA ILE E 211 34.05 -8.41 26.55
C ILE E 211 35.00 -8.30 27.75
N PRO E 212 35.94 -7.34 27.80
CA PRO E 212 37.02 -7.46 28.81
C PRO E 212 36.53 -7.47 30.25
N VAL E 213 35.50 -6.68 30.57
CA VAL E 213 34.96 -6.68 31.92
C VAL E 213 34.40 -8.05 32.27
N PHE E 214 33.69 -8.69 31.33
CA PHE E 214 33.23 -10.04 31.55
C PHE E 214 34.38 -11.01 31.72
N VAL E 215 35.51 -10.75 31.05
CA VAL E 215 36.65 -11.66 31.19
C VAL E 215 37.30 -11.53 32.57
N TYR E 216 37.44 -10.31 33.08
CA TYR E 216 38.36 -10.07 34.19
C TYR E 216 37.71 -9.78 35.54
N ARG E 217 36.40 -9.56 35.60
CA ARG E 217 35.77 -9.28 36.89
C ARG E 217 35.80 -10.53 37.77
N GLU E 218 36.03 -10.33 39.06
CA GLU E 218 36.14 -11.43 40.00
C GLU E 218 35.74 -10.95 41.40
N ILE E 219 35.87 -11.85 42.37
CA ILE E 219 35.48 -11.60 43.76
C ILE E 219 36.71 -11.87 44.63
N PHE E 220 36.98 -10.95 45.55
CA PHE E 220 38.10 -11.08 46.49
C PHE E 220 37.59 -11.51 47.85
N THR E 221 38.16 -12.59 48.38
CA THR E 221 37.76 -13.10 49.68
C THR E 221 38.96 -13.19 50.63
N ASN E 224 39.29 -10.74 54.12
CA ASN E 224 38.25 -10.24 55.00
C ASN E 224 36.89 -10.81 54.63
N HIS E 225 36.21 -10.16 53.68
CA HIS E 225 34.90 -10.59 53.21
C HIS E 225 34.88 -10.58 51.70
N ASN E 226 33.81 -11.13 51.14
CA ASN E 226 33.67 -11.23 49.68
C ASN E 226 33.21 -9.90 49.12
N ARG E 227 34.03 -9.32 48.24
CA ARG E 227 33.72 -8.06 47.57
C ARG E 227 34.07 -8.16 46.11
N CYS E 228 33.23 -7.59 45.25
CA CYS E 228 33.45 -7.60 43.81
C CYS E 228 34.41 -6.46 43.45
N GLY E 229 35.51 -6.80 42.79
CA GLY E 229 36.49 -5.80 42.42
C GLY E 229 37.46 -6.33 41.39
N TYR E 230 38.07 -5.39 40.66
CA TYR E 230 39.02 -5.74 39.62
C TYR E 230 40.35 -6.20 40.24
N LYS E 231 41.05 -7.04 39.50
CA LYS E 231 42.37 -7.52 39.93
C LYS E 231 43.46 -6.61 39.37
N THR E 387 49.95 -3.91 33.32
CA THR E 387 49.82 -3.70 31.88
C THR E 387 48.36 -3.78 31.37
N PRO E 388 47.61 -4.84 31.71
CA PRO E 388 46.23 -4.92 31.19
C PRO E 388 45.34 -3.77 31.61
N LEU E 389 45.36 -3.41 32.91
CA LEU E 389 44.47 -2.36 33.40
C LEU E 389 44.73 -1.05 32.69
N VAL E 390 46.01 -0.69 32.53
CA VAL E 390 46.36 0.54 31.82
C VAL E 390 45.85 0.49 30.39
N ALA E 391 46.01 -0.67 29.73
CA ALA E 391 45.56 -0.81 28.35
C ALA E 391 44.05 -0.59 28.24
N ILE E 392 43.28 -1.25 29.10
CA ILE E 392 41.82 -1.11 29.02
C ILE E 392 41.41 0.33 29.31
N THR E 393 42.00 0.93 30.35
CA THR E 393 41.64 2.31 30.68
C THR E 393 41.95 3.26 29.54
N ILE E 394 43.14 3.15 28.95
CA ILE E 394 43.54 4.06 27.88
C ILE E 394 42.67 3.87 26.66
N THR E 395 42.42 2.61 26.26
CA THR E 395 41.61 2.37 25.07
C THR E 395 40.17 2.84 25.28
N ARG E 396 39.61 2.60 26.47
CA ARG E 396 38.27 3.08 26.75
C ARG E 396 38.20 4.59 26.69
N LEU E 397 39.16 5.27 27.33
CA LEU E 397 39.20 6.72 27.29
C LEU E 397 39.25 7.23 25.86
N VAL E 398 40.21 6.75 25.08
CA VAL E 398 40.42 7.32 23.75
C VAL E 398 39.20 7.07 22.87
N VAL E 399 38.73 5.82 22.82
CA VAL E 399 37.64 5.47 21.90
C VAL E 399 36.34 6.15 22.31
N GLY E 400 36.06 6.21 23.62
CA GLY E 400 34.81 6.80 24.05
C GLY E 400 34.81 8.32 24.09
N PHE E 401 35.98 8.96 24.11
CA PHE E 401 36.03 10.40 24.30
C PHE E 401 36.54 11.14 23.07
N LEU E 402 37.75 10.82 22.61
CA LEU E 402 38.42 11.73 21.69
C LEU E 402 37.86 11.67 20.28
N LEU E 403 37.50 10.47 19.81
CA LEU E 403 37.01 10.36 18.44
C LEU E 403 35.58 10.87 18.27
N PRO E 404 34.59 10.43 19.07
CA PRO E 404 33.24 10.97 18.88
C PRO E 404 33.14 12.47 19.03
N SER E 405 33.84 13.05 20.01
CA SER E 405 33.79 14.49 20.20
C SER E 405 34.32 15.22 18.98
N VAL E 406 35.45 14.77 18.44
CA VAL E 406 36.03 15.38 17.25
C VAL E 406 35.06 15.27 16.08
N ILE E 407 34.44 14.10 15.90
CA ILE E 407 33.56 13.89 14.76
C ILE E 407 32.36 14.83 14.84
N MET E 408 31.70 14.88 16.00
CA MET E 408 30.53 15.76 16.14
C MET E 408 30.92 17.23 15.98
N ILE E 409 32.04 17.63 16.59
CA ILE E 409 32.46 19.02 16.49
C ILE E 409 32.72 19.41 15.03
N ALA E 410 33.45 18.57 14.31
CA ALA E 410 33.76 18.87 12.91
C ALA E 410 32.49 18.91 12.06
N CYS E 411 31.60 17.93 12.24
CA CYS E 411 30.38 17.88 11.44
C CYS E 411 29.52 19.11 11.67
N TYR E 412 29.31 19.49 12.93
CA TYR E 412 28.45 20.63 13.21
C TYR E 412 29.11 21.94 12.79
N SER E 413 30.43 22.05 12.95
CA SER E 413 31.12 23.25 12.48
C SER E 413 30.99 23.41 10.97
N PHE E 414 31.15 22.31 10.22
CA PHE E 414 31.04 22.41 8.77
C PHE E 414 29.60 22.69 8.34
N ILE E 415 28.61 22.15 9.05
CA ILE E 415 27.21 22.48 8.75
C ILE E 415 26.97 23.97 8.96
N VAL E 416 27.45 24.53 10.07
CA VAL E 416 27.28 25.95 10.33
C VAL E 416 27.99 26.78 9.27
N PHE E 417 29.19 26.34 8.85
CA PHE E 417 29.91 27.04 7.80
C PHE E 417 29.13 27.04 6.49
N ARG E 418 28.53 25.90 6.13
CA ARG E 418 27.77 25.83 4.89
C ARG E 418 26.52 26.70 4.94
N MET E 419 25.86 26.77 6.10
CA MET E 419 24.61 27.52 6.17
C MET E 419 24.78 29.04 6.06
N GLN E 420 25.93 29.63 5.73
CA GLN E 420 26.02 31.09 5.73
C GLN E 420 25.28 31.70 4.54
N ARG E 421 25.41 31.10 3.35
CA ARG E 421 24.92 31.70 2.12
C ARG E 421 23.52 31.20 1.79
N GLY E 422 22.92 31.86 0.80
CA GLY E 422 21.63 31.44 0.28
C GLY E 422 20.48 31.61 1.27
N ARG E 423 19.51 30.71 1.18
CA ARG E 423 18.33 30.75 2.03
C ARG E 423 18.61 30.34 3.47
N PHE E 424 19.80 29.83 3.77
CA PHE E 424 20.11 29.30 5.09
C PHE E 424 20.57 30.35 6.09
N ALA E 425 20.72 31.60 5.66
CA ALA E 425 21.15 32.67 6.55
C ALA E 425 20.07 33.07 7.54
N LYS E 426 18.83 32.65 7.35
CA LYS E 426 17.74 32.95 8.27
C LYS E 426 17.56 31.87 9.33
N SER E 427 18.29 30.76 9.24
CA SER E 427 18.22 29.69 10.24
C SER E 427 19.59 29.27 10.73
N GLN E 428 20.66 29.90 10.24
CA GLN E 428 22.00 29.64 10.77
C GLN E 428 22.05 29.82 12.28
N SER E 429 21.37 30.84 12.81
CA SER E 429 21.40 31.10 14.24
C SER E 429 20.78 29.96 15.04
N LYS E 430 19.60 29.49 14.62
CA LYS E 430 18.95 28.39 15.32
C LYS E 430 19.78 27.11 15.22
N THR E 431 20.36 26.85 14.04
CA THR E 431 21.21 25.67 13.90
C THR E 431 22.41 25.75 14.84
N PHE E 432 23.03 26.93 14.93
CA PHE E 432 24.15 27.11 15.83
C PHE E 432 23.74 26.88 17.28
N ARG E 433 22.57 27.39 17.68
CA ARG E 433 22.09 27.20 19.03
C ARG E 433 21.92 25.71 19.34
N VAL E 434 21.27 24.98 18.43
CA VAL E 434 21.01 23.56 18.68
C VAL E 434 22.31 22.78 18.76
N ALA E 435 23.25 23.05 17.84
CA ALA E 435 24.53 22.36 17.86
C ALA E 435 25.29 22.64 19.16
N VAL E 436 25.30 23.90 19.60
CA VAL E 436 25.99 24.24 20.84
C VAL E 436 25.36 23.50 22.01
N VAL E 437 24.02 23.45 22.07
CA VAL E 437 23.36 22.77 23.18
C VAL E 437 23.76 21.31 23.21
N VAL E 438 23.68 20.61 22.07
CA VAL E 438 23.93 19.17 22.10
C VAL E 438 25.38 18.87 22.43
N VAL E 439 26.32 19.62 21.83
CA VAL E 439 27.74 19.34 22.09
C VAL E 439 28.09 19.65 23.54
N ALA E 440 27.59 20.77 24.08
CA ALA E 440 27.87 21.12 25.46
C ALA E 440 27.29 20.08 26.42
N VAL E 441 26.08 19.60 26.15
CA VAL E 441 25.47 18.60 27.02
C VAL E 441 26.31 17.32 27.03
N PHE E 442 26.72 16.86 25.85
CA PHE E 442 27.54 15.64 25.80
C PHE E 442 28.85 15.83 26.54
N LEU E 443 29.51 16.98 26.33
CA LEU E 443 30.81 17.21 26.93
C LEU E 443 30.75 17.40 28.45
N VAL E 444 29.64 17.92 28.99
CA VAL E 444 29.56 18.03 30.43
C VAL E 444 29.15 16.69 31.04
N CYS E 445 28.36 15.91 30.32
CA CYS E 445 27.87 14.65 30.88
C CYS E 445 28.90 13.52 30.85
N TRP E 446 29.83 13.52 29.89
CA TRP E 446 30.71 12.36 29.76
C TRP E 446 32.16 12.57 30.16
N THR E 447 32.59 13.79 30.49
CA THR E 447 34.02 14.07 30.69
C THR E 447 34.58 13.67 32.06
N PRO E 448 33.87 13.94 33.17
CA PRO E 448 34.46 13.59 34.48
C PRO E 448 34.82 12.12 34.64
N TYR E 449 34.06 11.22 34.00
CA TYR E 449 34.40 9.80 34.03
C TYR E 449 35.83 9.57 33.55
N HIS E 450 36.16 10.09 32.37
CA HIS E 450 37.49 9.92 31.80
C HIS E 450 38.54 10.65 32.62
N ILE E 451 38.23 11.86 33.09
CA ILE E 451 39.18 12.60 33.90
C ILE E 451 39.57 11.80 35.13
N PHE E 452 38.57 11.25 35.83
CA PHE E 452 38.84 10.52 37.05
C PHE E 452 39.53 9.18 36.77
N GLY E 453 39.21 8.53 35.65
CA GLY E 453 39.95 7.34 35.29
C GLY E 453 41.42 7.61 35.11
N VAL E 454 41.74 8.67 34.36
CA VAL E 454 43.14 9.03 34.16
C VAL E 454 43.79 9.38 35.50
N LEU E 455 43.12 10.17 36.33
CA LEU E 455 43.71 10.62 37.57
C LEU E 455 43.96 9.45 38.52
N SER E 456 43.02 8.51 38.60
CA SER E 456 43.25 7.30 39.39
C SER E 456 44.40 6.48 38.82
N LEU E 457 44.58 6.49 37.50
CA LEU E 457 45.76 5.85 36.93
C LEU E 457 47.04 6.51 37.42
N LEU E 458 47.08 7.84 37.46
CA LEU E 458 48.31 8.53 37.84
C LEU E 458 48.59 8.46 39.33
N THR E 459 47.57 8.34 40.16
CA THR E 459 47.73 8.44 41.62
C THR E 459 47.69 7.05 42.24
N ASP E 460 48.67 6.78 43.12
CA ASP E 460 48.70 5.52 43.84
C ASP E 460 47.53 5.45 44.83
N PRO E 461 47.01 4.24 45.10
CA PRO E 461 45.85 4.11 45.99
C PRO E 461 46.15 4.50 47.44
N GLU E 462 47.22 3.95 48.01
CA GLU E 462 47.55 4.19 49.40
C GLU E 462 47.95 5.64 49.67
N THR E 463 48.39 6.36 48.65
CA THR E 463 48.79 7.75 48.83
C THR E 463 47.57 8.61 49.10
N PRO E 464 47.77 9.77 49.74
CA PRO E 464 46.65 10.70 49.95
C PRO E 464 46.10 11.21 48.63
N LEU E 465 44.98 11.94 48.73
CA LEU E 465 44.21 12.50 47.62
C LEU E 465 43.57 11.42 46.75
N GLY E 466 43.69 10.14 47.11
CA GLY E 466 43.06 9.08 46.35
C GLY E 466 41.70 8.70 46.91
N LYS E 467 41.53 8.89 48.22
CA LYS E 467 40.23 8.63 48.84
C LYS E 467 39.16 9.52 48.24
N THR E 468 39.51 10.73 47.84
CA THR E 468 38.61 11.60 47.09
C THR E 468 38.08 10.88 45.85
N LEU E 469 38.97 10.27 45.07
CA LEU E 469 38.57 9.56 43.86
C LEU E 469 37.71 8.36 44.20
N MET E 470 38.16 7.54 45.16
CA MET E 470 37.41 6.35 45.52
C MET E 470 36.04 6.69 46.10
N SER E 471 35.86 7.89 46.65
CA SER E 471 34.58 8.28 47.22
C SER E 471 33.64 8.88 46.17
N TRP E 472 34.13 9.75 45.30
CA TRP E 472 33.27 10.41 44.33
C TRP E 472 33.23 9.72 42.97
N ASP E 473 33.84 8.59 42.91
CA ASP E 473 33.56 7.90 41.64
C ASP E 473 32.01 7.75 41.57
N HIS E 474 31.36 7.30 42.64
CA HIS E 474 29.93 7.03 42.59
C HIS E 474 29.18 8.16 41.87
N VAL E 475 29.42 9.40 42.29
CA VAL E 475 28.75 10.53 41.63
C VAL E 475 29.25 10.69 40.21
N CYS E 476 30.51 10.33 39.93
CA CYS E 476 31.00 10.38 38.56
C CYS E 476 30.18 9.45 37.66
N ILE E 477 30.01 8.19 38.09
CA ILE E 477 29.25 7.26 37.27
C ILE E 477 27.78 7.65 37.20
N ALA E 478 27.24 8.25 38.26
CA ALA E 478 25.86 8.74 38.21
C ALA E 478 25.71 9.86 37.18
N LEU E 479 26.68 10.77 37.14
CA LEU E 479 26.70 11.81 36.11
C LEU E 479 26.77 11.19 34.72
N ALA E 480 27.57 10.15 34.57
CA ALA E 480 27.65 9.46 33.28
C ALA E 480 26.31 8.84 32.90
N SER E 481 25.60 8.26 33.88
CA SER E 481 24.34 7.59 33.62
C SER E 481 23.18 8.56 33.38
N ALA E 482 23.31 9.81 33.81
CA ALA E 482 22.24 10.79 33.55
C ALA E 482 22.01 11.03 32.06
N ASN E 483 22.99 10.70 31.21
CA ASN E 483 22.81 10.89 29.77
C ASN E 483 21.68 10.03 29.23
N SER E 484 21.39 8.89 29.87
CA SER E 484 20.30 8.04 29.42
C SER E 484 18.98 8.77 29.46
N CYS E 485 18.73 9.53 30.53
CA CYS E 485 17.53 10.34 30.60
C CYS E 485 17.64 11.60 29.76
N PHE E 486 18.84 12.17 29.64
CA PHE E 486 18.99 13.44 28.93
C PHE E 486 18.76 13.29 27.42
N ASN E 487 19.22 12.17 26.84
CA ASN E 487 19.24 12.04 25.37
C ASN E 487 17.86 12.13 24.71
N PRO E 488 16.81 11.44 25.18
CA PRO E 488 15.54 11.49 24.44
C PRO E 488 15.00 12.89 24.25
N PHE E 489 15.06 13.74 25.28
CA PHE E 489 14.58 15.10 25.15
C PHE E 489 15.37 15.88 24.11
N LEU E 490 16.69 15.69 24.09
CA LEU E 490 17.53 16.41 23.13
C LEU E 490 17.23 15.98 21.70
N TYR E 491 17.03 14.68 21.46
CA TYR E 491 17.01 14.17 20.09
C TYR E 491 15.61 13.87 19.57
N ALA E 492 14.84 13.04 20.27
CA ALA E 492 13.63 12.49 19.68
C ALA E 492 12.53 13.54 19.50
N LEU E 493 12.31 14.39 20.50
CA LEU E 493 11.16 15.29 20.52
C LEU E 493 11.48 16.69 20.01
N LEU E 494 12.54 16.84 19.22
CA LEU E 494 12.80 18.11 18.55
C LEU E 494 12.12 18.21 17.19
N GLY E 495 11.50 17.14 16.71
CA GLY E 495 10.76 17.18 15.46
C GLY E 495 9.29 17.48 15.71
N LYS E 496 8.71 18.27 14.81
CA LYS E 496 7.31 18.67 14.97
C LYS E 496 6.37 17.47 14.90
N ASP E 497 6.62 16.56 13.95
CA ASP E 497 5.76 15.39 13.82
C ASP E 497 5.85 14.50 15.06
N PHE E 498 7.05 14.32 15.60
CA PHE E 498 7.20 13.53 16.81
C PHE E 498 6.44 14.14 17.98
N ARG E 499 6.53 15.46 18.14
CA ARG E 499 5.80 16.13 19.21
C ARG E 499 4.30 15.99 19.02
N LYS E 500 3.82 16.15 17.79
CA LYS E 500 2.39 16.01 17.53
C LYS E 500 1.90 14.61 17.84
N LYS E 501 2.65 13.59 17.41
CA LYS E 501 2.25 12.21 17.69
C LYS E 501 2.27 11.92 19.18
N ALA E 502 3.29 12.40 19.88
CA ALA E 502 3.36 12.17 21.33
C ALA E 502 2.21 12.85 22.05
N ARG E 503 1.87 14.08 21.65
CA ARG E 503 0.75 14.78 22.28
C ARG E 503 -0.58 14.09 21.99
N GLN E 504 -0.77 13.63 20.75
CA GLN E 504 -2.02 12.96 20.40
C GLN E 504 -2.15 11.63 21.14
N SER E 505 -1.06 10.87 21.25
CA SER E 505 -1.12 9.58 21.91
C SER E 505 -1.31 9.71 23.43
N ILE E 506 -1.01 10.86 24.00
CA ILE E 506 -1.17 11.07 25.43
C ILE E 506 -2.02 12.30 25.70
N1 A1D9A F . 33.97 0.58 38.17
N3 A1D9A F . 37.51 4.48 38.05
C4 A1D9A F . 29.25 -0.01 38.57
C5 A1D9A F . 29.24 0.06 37.18
C6 A1D9A F . 28.04 -0.02 39.55
C7 A1D9A F . 27.35 1.36 39.56
C8 A1D9A F . 27.43 2.14 40.70
C10 A1D9A F . 26.17 3.87 39.61
C13 A1D9A F . 27.15 -1.29 39.44
C15 A1D9A F . 25.20 -2.47 38.67
C17 A1D9A F . 26.83 -3.59 40.04
C20 A1D9A F . 35.43 0.65 38.04
C21 A1D9A F . 35.84 1.73 37.03
C22 A1D9A F . 34.77 2.81 36.79
C24 A1D9A F . 36.78 5.35 37.52
CL1 A1D9A F . 25.40 5.47 39.64
CL2 A1D9A F . 24.65 -5.11 39.25
C1 A1D9A F . 30.67 0.11 35.06
O1 A1D9A F . 33.53 -0.49 36.17
S1 A1D9A F . 30.90 -0.06 39.05
C2 A1D9A F . 30.50 0.05 36.59
N2 A1D9A F . 35.34 5.13 37.41
O2 A1D9A F . 36.58 2.01 39.69
C3 A1D9A F . 31.59 -0.01 37.46
O3 A1D9A F . 35.95 0.02 40.32
N4 A1D9A F . 37.35 6.59 37.04
C9 A1D9A F . 26.83 3.39 40.73
C11 A1D9A F . 26.10 3.09 38.46
C12 A1D9A F . 26.69 1.85 38.43
C14 A1D9A F . 25.96 -1.32 38.73
C16 A1D9A F . 25.63 -3.61 39.33
C18 A1D9A F . 27.57 -2.45 40.10
C19 A1D9A F . 33.09 -0.03 37.16
C23 A1D9A F . 34.76 3.89 37.89
C25 A1D9A F . 36.02 0.91 39.42
#